data_5YNE
#
_entry.id   5YNE
#
_cell.length_a   89.210
_cell.length_b   89.210
_cell.length_c   299.647
_cell.angle_alpha   90.00
_cell.angle_beta   90.00
_cell.angle_gamma   90.00
#
_symmetry.space_group_name_H-M   'P 43 21 2'
#
loop_
_entity.id
_entity.type
_entity.pdbx_description
1 polymer 'PulA protein'
2 branched Cyclohexakis-(1-4)-(alpha-D-glucopyranose)
3 non-polymer 'CALCIUM ION'
4 non-polymer GLYCEROL
5 non-polymer DI(HYDROXYETHYL)ETHER
6 water water
#
_entity_poly.entity_id   1
_entity_poly.type   'polypeptide(L)'
_entity_poly.pdbx_seq_one_letter_code
;MLRYTCHALFLGSLVLLSGCDNSSSSSTSGSPGSPGNPGNPGTPGTPDPQDVVVRLPDVAVPGEAVQASARQAVIHLVDI
AGITSSTPADYATKNLYLWNNETCDALSAPVADWNDVSTTPTGSDKYGPYWVIPLTKESGCINVIVRDGTNKLIDSDLRV
SFSDFTDRTVSVIAGNSAVYDSRADAFRAAFGVALADAHWVDKTTLLWPGGENKPIVRLYYSHSSKVAADSNGEFSDKYV
KLTPTTVNQQVSMRFPHLASYPAFKLPDDVNVDELLQGETVAIAAESDGILSSATQVQTAGVLDDTYAAAAEALSYGAQL
TDSGVTFRVWAPTAQQVELVIYSADKKVIASHPMTRDSASGAWSWQGGSDLKGAFYRYAMTVYHPQSRKVEQYEVTDPYA
HSLSTNSEYSQVVDLNDSALKPEGWDGLTMPHAQKTKADLAKMTIHESHIRDLSAWDQTVPAELRGKYLALTAQESNMVQ
HLKQLSASGVTHIELLPVFDLATVNEFSDKVADIQQPFSRLCEVNSAVKSSEFAGYCDSGSTVEEVLTQLKQNDSKDNPQ
VQALNTLVAQTDSYNWGYDPFHYTVPEGSYATDPEGTARIKEFRTMIQAIKQDLGMNVIMDVVYNHTNAAGPTDRTSVLD
KIVPWYYQRLNETTGSVESATCCSDSAPEHRMFAKLIADSLAVWTTDYKIDGFRFDLMLYHPKAQILSAWERIKALNPDI
YFFGEGWDSNQSDRFEIASQINLKGTGIGTFSDRLRDAVRGGGPFDSGDALRQNQGVGSGAGVLPNELTTLSDDQARHLA
DLTRLGMAGNLADFVLIDKDGAVKRGSEIDYNGAPGGYAADPTEVVNYVSKHDNQTLWDMISYKAAQEADLDTRVRMQAV
SLATVMLGQGIAFDQQGSELLRSKSFTRDSYDSGDWFNRVDYSLQDNNYNVGMPRSSDDGSNYDIIARVKDAVATPGETE
LKQMTAFYQELTALRKSSPLFTLGDGATVMKRVDFRNTGADQQTGLLVMTIDDGMQAGASLDSRVDGIVVAINAAPESRT
LQDFAGTSLQLSAIQQAAGDRSLASGVQVAADGSVTLPAWSVAVLELPQGESQGAGLPVSSK
;
_entity_poly.pdbx_strand_id   A
#
# COMPACT_ATOMS: atom_id res chain seq x y z
N PRO A 49 -43.73 23.45 -15.31
CA PRO A 49 -44.91 24.30 -15.54
C PRO A 49 -44.73 25.25 -16.72
N GLN A 50 -44.13 26.42 -16.47
CA GLN A 50 -43.71 27.34 -17.52
C GLN A 50 -42.31 27.02 -18.05
N ASP A 51 -41.58 26.13 -17.39
CA ASP A 51 -40.20 25.78 -17.73
C ASP A 51 -40.06 25.34 -19.18
N VAL A 52 -38.97 25.75 -19.82
CA VAL A 52 -38.67 25.33 -21.19
C VAL A 52 -38.14 23.90 -21.19
N VAL A 53 -38.55 23.13 -22.19
CA VAL A 53 -38.11 21.75 -22.30
C VAL A 53 -36.66 21.70 -22.75
N VAL A 54 -35.85 20.90 -22.06
CA VAL A 54 -34.50 20.58 -22.51
C VAL A 54 -34.57 19.47 -23.54
N ARG A 55 -33.81 19.62 -24.63
CA ARG A 55 -33.93 18.71 -25.75
C ARG A 55 -32.59 18.60 -26.46
N LEU A 56 -32.45 17.55 -27.28
CA LEU A 56 -31.35 17.46 -28.21
C LEU A 56 -31.49 18.55 -29.27
N PRO A 57 -30.42 18.86 -29.99
CA PRO A 57 -30.57 19.66 -31.21
C PRO A 57 -31.65 19.05 -32.09
N ASP A 58 -32.37 19.92 -32.82
CA ASP A 58 -33.43 19.46 -33.72
C ASP A 58 -32.83 19.10 -35.09
N VAL A 59 -31.90 18.16 -35.05
CA VAL A 59 -31.29 17.58 -36.24
C VAL A 59 -31.08 16.09 -35.95
N ALA A 60 -31.08 15.29 -37.01
CA ALA A 60 -30.95 13.85 -36.84
C ALA A 60 -29.57 13.50 -36.29
N VAL A 61 -29.47 12.26 -35.82
CA VAL A 61 -28.17 11.68 -35.48
C VAL A 61 -27.44 11.34 -36.78
N PRO A 62 -26.21 11.81 -36.97
CA PRO A 62 -25.58 11.72 -38.30
C PRO A 62 -25.09 10.32 -38.62
N GLY A 63 -25.21 9.96 -39.89
CA GLY A 63 -24.50 8.83 -40.46
C GLY A 63 -23.11 9.24 -40.87
N GLU A 64 -22.44 8.33 -41.59
CA GLU A 64 -21.12 8.61 -42.14
C GLU A 64 -21.23 9.37 -43.46
N ALA A 65 -20.23 10.22 -43.74
CA ALA A 65 -20.18 10.96 -44.99
C ALA A 65 -19.61 10.09 -46.13
N VAL A 66 -18.41 9.53 -45.92
CA VAL A 66 -17.85 8.53 -46.81
C VAL A 66 -17.23 7.43 -45.97
N GLN A 67 -17.02 6.26 -46.60
CA GLN A 67 -16.27 5.16 -46.01
C GLN A 67 -14.99 4.97 -46.80
N ALA A 68 -13.89 4.79 -46.07
CA ALA A 68 -12.59 4.64 -46.72
C ALA A 68 -12.58 3.40 -47.61
N SER A 69 -11.98 3.54 -48.79
CA SER A 69 -11.67 2.42 -49.66
C SER A 69 -10.25 1.94 -49.37
N ALA A 70 -9.73 1.11 -50.27
CA ALA A 70 -8.44 0.49 -50.05
C ALA A 70 -7.34 1.54 -50.07
N ARG A 71 -6.32 1.33 -49.23
CA ARG A 71 -5.22 2.28 -49.06
C ARG A 71 -5.74 3.69 -48.80
N GLN A 72 -6.76 3.78 -47.94
CA GLN A 72 -7.37 5.04 -47.57
C GLN A 72 -7.77 4.98 -46.11
N ALA A 73 -7.67 6.11 -45.45
CA ALA A 73 -8.37 6.34 -44.20
C ALA A 73 -9.22 7.58 -44.35
N VAL A 74 -10.23 7.72 -43.51
CA VAL A 74 -11.15 8.85 -43.59
C VAL A 74 -11.38 9.40 -42.19
N ILE A 75 -11.22 10.71 -42.06
CA ILE A 75 -11.46 11.40 -40.80
C ILE A 75 -12.59 12.38 -41.01
N HIS A 76 -13.66 12.21 -40.24
CA HIS A 76 -14.72 13.20 -40.15
C HIS A 76 -14.44 14.14 -38.99
N LEU A 77 -14.64 15.42 -39.21
CA LEU A 77 -14.71 16.39 -38.12
C LEU A 77 -16.18 16.76 -37.96
N VAL A 78 -16.74 16.44 -36.81
CA VAL A 78 -18.16 16.65 -36.56
C VAL A 78 -18.31 18.06 -35.98
N ASP A 79 -18.89 18.94 -36.78
CA ASP A 79 -18.99 20.36 -36.44
C ASP A 79 -20.15 20.57 -35.48
N ILE A 80 -19.87 20.34 -34.20
CA ILE A 80 -20.88 20.48 -33.16
C ILE A 80 -21.51 21.88 -33.20
N ALA A 81 -20.67 22.91 -33.27
CA ALA A 81 -21.20 24.27 -33.23
C ALA A 81 -22.03 24.60 -34.46
N GLY A 82 -21.56 24.19 -35.63
CA GLY A 82 -22.32 24.40 -36.85
C GLY A 82 -23.47 23.45 -37.06
N ILE A 83 -23.51 22.37 -36.29
CA ILE A 83 -24.69 21.50 -36.28
C ILE A 83 -25.88 22.28 -35.71
N THR A 84 -25.63 23.14 -34.72
CA THR A 84 -26.58 24.20 -34.38
C THR A 84 -26.62 25.21 -35.52
N SER A 85 -27.18 24.79 -36.67
CA SER A 85 -26.95 25.35 -38.00
C SER A 85 -26.70 26.85 -38.03
N SER A 86 -27.76 27.64 -38.17
CA SER A 86 -27.66 29.07 -38.47
C SER A 86 -26.94 29.25 -39.81
N THR A 87 -25.72 29.77 -39.76
CA THR A 87 -24.97 30.09 -40.98
C THR A 87 -24.41 28.82 -41.61
N PRO A 88 -24.64 28.59 -42.93
CA PRO A 88 -23.91 27.52 -43.64
C PRO A 88 -22.41 27.67 -43.48
N ALA A 89 -21.80 26.85 -42.62
CA ALA A 89 -20.43 27.07 -42.21
C ALA A 89 -19.44 26.82 -43.36
N ASP A 90 -18.27 27.44 -43.23
CA ASP A 90 -17.22 27.38 -44.24
C ASP A 90 -16.02 26.65 -43.67
N TYR A 91 -15.62 25.56 -44.33
CA TYR A 91 -14.57 24.68 -43.86
C TYR A 91 -13.28 24.83 -44.67
N ALA A 92 -13.16 25.91 -45.43
CA ALA A 92 -11.98 26.10 -46.28
C ALA A 92 -10.70 26.18 -45.47
N THR A 93 -10.74 26.78 -44.27
CA THR A 93 -9.51 26.91 -43.48
C THR A 93 -9.20 25.64 -42.68
N LYS A 94 -10.18 24.75 -42.50
CA LYS A 94 -9.91 23.47 -41.86
C LYS A 94 -8.88 22.69 -42.65
N ASN A 95 -7.91 22.11 -41.95
CA ASN A 95 -6.91 21.29 -42.62
C ASN A 95 -6.32 20.29 -41.63
N LEU A 96 -5.64 19.29 -42.18
CA LEU A 96 -4.96 18.29 -41.38
C LEU A 96 -3.46 18.47 -41.50
N TYR A 97 -2.77 18.34 -40.36
CA TYR A 97 -1.32 18.21 -40.36
C TYR A 97 -1.01 16.72 -40.16
N LEU A 98 -0.34 16.13 -41.14
CA LEU A 98 -0.10 14.69 -41.19
C LEU A 98 1.39 14.42 -41.35
N TRP A 99 1.94 13.54 -40.53
CA TRP A 99 3.37 13.23 -40.60
C TRP A 99 3.59 11.79 -40.16
N ASN A 100 4.63 11.17 -40.71
CA ASN A 100 5.03 9.82 -40.32
C ASN A 100 6.21 9.87 -39.34
N ASN A 101 6.10 9.13 -38.24
CA ASN A 101 7.26 8.85 -37.39
C ASN A 101 7.50 7.35 -37.30
N GLU A 102 8.10 6.89 -36.20
CA GLU A 102 8.36 5.47 -36.02
C GLU A 102 7.18 4.72 -35.44
N THR A 103 6.33 5.39 -34.66
CA THR A 103 5.15 4.73 -34.12
C THR A 103 4.08 4.51 -35.19
N CYS A 104 3.80 5.55 -35.99
CA CYS A 104 2.73 5.54 -36.99
C CYS A 104 3.31 6.02 -38.31
N ASP A 105 3.36 5.13 -39.30
CA ASP A 105 4.07 5.41 -40.55
C ASP A 105 3.26 5.05 -41.80
N ALA A 106 1.94 4.89 -41.67
CA ALA A 106 1.09 4.41 -42.76
C ALA A 106 0.62 5.50 -43.71
N LEU A 107 1.20 6.70 -43.69
CA LEU A 107 0.77 7.79 -44.55
C LEU A 107 1.48 7.73 -45.88
N SER A 108 0.73 7.96 -46.95
CA SER A 108 1.29 7.87 -48.28
C SER A 108 2.17 9.09 -48.57
N ALA A 109 1.58 10.28 -48.63
CA ALA A 109 2.31 11.49 -48.99
C ALA A 109 2.18 12.55 -47.89
N PRO A 110 2.82 12.34 -46.75
CA PRO A 110 2.76 13.35 -45.68
C PRO A 110 3.48 14.62 -46.10
N VAL A 111 3.16 15.71 -45.41
CA VAL A 111 3.85 16.98 -45.62
C VAL A 111 4.30 17.48 -44.25
N ALA A 112 5.61 17.48 -44.03
CA ALA A 112 6.16 17.85 -42.72
C ALA A 112 6.14 19.34 -42.48
N ASP A 113 5.90 20.16 -43.52
CA ASP A 113 5.87 21.61 -43.36
C ASP A 113 4.64 22.00 -42.55
N TRP A 114 4.86 22.42 -41.31
CA TRP A 114 3.75 22.81 -40.44
C TRP A 114 3.02 24.03 -40.98
N ASN A 115 3.72 24.90 -41.73
CA ASN A 115 3.08 26.07 -42.31
C ASN A 115 2.23 25.76 -43.53
N ASP A 116 2.34 24.56 -44.09
CA ASP A 116 1.47 24.14 -45.18
C ASP A 116 0.09 23.85 -44.62
N VAL A 117 -0.91 24.61 -45.06
CA VAL A 117 -2.29 24.41 -44.61
C VAL A 117 -3.15 23.94 -45.77
N SER A 118 -2.54 23.28 -46.76
CA SER A 118 -3.25 22.94 -47.98
C SER A 118 -4.00 21.61 -47.92
N THR A 119 -3.90 20.86 -46.82
CA THR A 119 -4.61 19.59 -46.71
C THR A 119 -6.04 19.87 -46.20
N THR A 120 -6.82 20.45 -47.08
CA THR A 120 -8.17 20.91 -46.78
C THR A 120 -9.17 19.79 -47.06
N PRO A 121 -10.42 19.94 -46.60
CA PRO A 121 -11.38 18.81 -46.66
C PRO A 121 -11.58 18.26 -48.07
N THR A 122 -11.77 16.94 -48.14
CA THR A 122 -12.19 16.34 -49.41
C THR A 122 -13.63 16.69 -49.76
N GLY A 123 -14.48 16.84 -48.75
CA GLY A 123 -15.86 17.20 -48.97
C GLY A 123 -16.49 17.52 -47.63
N SER A 124 -17.79 17.79 -47.64
CA SER A 124 -18.45 18.17 -46.41
C SER A 124 -19.97 18.14 -46.61
N ASP A 125 -20.70 17.98 -45.51
CA ASP A 125 -22.16 18.09 -45.48
C ASP A 125 -22.55 18.88 -44.24
N LYS A 126 -23.85 18.84 -43.90
N LYS A 126 -23.84 18.86 -43.88
CA LYS A 126 -24.39 19.58 -42.77
CA LYS A 126 -24.32 19.67 -42.76
C LYS A 126 -23.66 19.29 -41.46
C LYS A 126 -23.72 19.26 -41.41
N TYR A 127 -23.00 18.15 -41.34
CA TYR A 127 -22.41 17.72 -40.09
C TYR A 127 -20.93 18.04 -39.95
N GLY A 128 -20.30 18.53 -41.01
CA GLY A 128 -18.89 18.87 -40.97
C GLY A 128 -18.13 18.41 -42.20
N PRO A 129 -16.83 18.70 -42.22
CA PRO A 129 -15.97 18.25 -43.32
C PRO A 129 -15.44 16.84 -43.07
N TYR A 130 -14.79 16.29 -44.10
CA TYR A 130 -14.10 15.02 -43.98
C TYR A 130 -12.89 15.03 -44.89
N TRP A 131 -11.94 14.15 -44.58
CA TRP A 131 -10.67 14.03 -45.30
C TRP A 131 -10.49 12.59 -45.76
N VAL A 132 -10.15 12.43 -47.04
CA VAL A 132 -9.72 11.14 -47.58
C VAL A 132 -8.20 11.18 -47.66
N ILE A 133 -7.56 10.31 -46.91
CA ILE A 133 -6.12 10.33 -46.69
C ILE A 133 -5.51 9.09 -47.34
N PRO A 134 -4.65 9.24 -48.34
CA PRO A 134 -4.07 8.06 -48.98
C PRO A 134 -3.08 7.38 -48.04
N LEU A 135 -3.02 6.05 -48.13
CA LEU A 135 -2.15 5.25 -47.28
C LEU A 135 -1.26 4.35 -48.13
N THR A 136 -0.19 3.88 -47.49
CA THR A 136 0.69 2.86 -48.05
C THR A 136 0.30 1.45 -47.63
N LYS A 137 -0.59 1.31 -46.65
CA LYS A 137 -1.00 0.02 -46.09
C LYS A 137 -2.25 0.27 -45.27
N GLU A 138 -2.92 -0.83 -44.88
CA GLU A 138 -4.11 -0.75 -44.05
C GLU A 138 -3.87 -1.28 -42.65
N SER A 139 -2.60 -1.43 -42.26
CA SER A 139 -2.22 -1.84 -40.93
C SER A 139 -1.39 -0.74 -40.26
N GLY A 140 -1.49 -0.65 -38.94
CA GLY A 140 -0.71 0.35 -38.24
C GLY A 140 -1.55 1.54 -37.81
N CYS A 141 -1.01 2.74 -38.00
CA CYS A 141 -1.69 3.94 -37.55
C CYS A 141 -1.12 5.15 -38.30
N ILE A 142 -1.80 6.29 -38.12
CA ILE A 142 -1.36 7.55 -38.70
C ILE A 142 -1.42 8.64 -37.63
N ASN A 143 -0.52 9.62 -37.76
CA ASN A 143 -0.48 10.78 -36.88
C ASN A 143 -1.22 11.94 -37.54
N VAL A 144 -2.10 12.59 -36.79
CA VAL A 144 -2.84 13.73 -37.33
C VAL A 144 -3.02 14.77 -36.24
N ILE A 145 -2.86 16.04 -36.61
CA ILE A 145 -3.36 17.15 -35.82
C ILE A 145 -4.43 17.87 -36.63
N VAL A 146 -5.58 18.14 -36.00
CA VAL A 146 -6.73 18.76 -36.64
C VAL A 146 -6.70 20.26 -36.40
N ARG A 147 -6.64 21.05 -37.47
CA ARG A 147 -6.32 22.47 -37.40
C ARG A 147 -7.35 23.33 -38.13
N ASP A 148 -7.40 24.60 -37.74
CA ASP A 148 -7.97 25.68 -38.53
C ASP A 148 -6.84 26.66 -38.80
N GLY A 149 -6.42 26.73 -40.07
CA GLY A 149 -5.16 27.39 -40.35
C GLY A 149 -4.05 26.66 -39.63
N THR A 150 -3.22 27.41 -38.89
CA THR A 150 -2.16 26.82 -38.07
C THR A 150 -2.57 26.61 -36.62
N ASN A 151 -3.80 26.94 -36.24
CA ASN A 151 -4.28 26.72 -34.89
C ASN A 151 -4.86 25.32 -34.77
N LYS A 152 -4.47 24.61 -33.71
CA LYS A 152 -5.02 23.28 -33.46
C LYS A 152 -6.42 23.40 -32.86
N LEU A 153 -7.37 22.68 -33.44
CA LEU A 153 -8.70 22.58 -32.86
C LEU A 153 -8.78 21.50 -31.80
N ILE A 154 -7.84 20.56 -31.83
CA ILE A 154 -7.66 19.52 -30.84
C ILE A 154 -6.19 19.61 -30.44
N ASP A 155 -5.94 19.97 -29.17
CA ASP A 155 -4.58 20.22 -28.68
C ASP A 155 -4.01 18.91 -28.14
N SER A 156 -3.68 18.02 -29.07
CA SER A 156 -3.25 16.66 -28.74
C SER A 156 -2.92 15.92 -30.02
N ASP A 157 -1.68 15.43 -30.13
CA ASP A 157 -1.30 14.58 -31.25
C ASP A 157 -2.22 13.37 -31.31
N LEU A 158 -2.90 13.19 -32.43
CA LEU A 158 -3.86 12.12 -32.58
C LEU A 158 -3.19 10.91 -33.17
N ARG A 159 -3.44 9.75 -32.56
CA ARG A 159 -3.13 8.47 -33.18
C ARG A 159 -4.44 7.86 -33.67
N VAL A 160 -4.47 7.45 -34.93
CA VAL A 160 -5.60 6.72 -35.49
C VAL A 160 -5.09 5.34 -35.87
N SER A 161 -5.47 4.34 -35.09
CA SER A 161 -4.93 3.00 -35.23
C SER A 161 -5.91 2.14 -36.00
N PHE A 162 -5.43 1.54 -37.10
CA PHE A 162 -6.30 0.74 -37.95
C PHE A 162 -6.68 -0.57 -37.28
N SER A 163 -5.94 -0.97 -36.25
CA SER A 163 -6.36 -2.11 -35.45
C SER A 163 -7.59 -1.79 -34.61
N ASP A 164 -7.60 -0.62 -33.97
CA ASP A 164 -8.74 -0.26 -33.13
C ASP A 164 -9.96 0.08 -34.00
N PHE A 165 -9.74 0.72 -35.14
CA PHE A 165 -10.80 1.10 -36.07
C PHE A 165 -10.51 0.38 -37.37
N THR A 166 -11.21 -0.73 -37.58
CA THR A 166 -10.88 -1.61 -38.70
C THR A 166 -11.33 -1.00 -40.03
N ASP A 167 -12.44 -0.24 -40.05
CA ASP A 167 -12.86 0.38 -41.30
C ASP A 167 -12.14 1.70 -41.57
N ARG A 168 -11.22 2.10 -40.69
CA ARG A 168 -10.30 3.22 -40.90
C ARG A 168 -11.06 4.50 -41.26
N THR A 169 -12.23 4.65 -40.66
CA THR A 169 -13.15 5.76 -40.91
C THR A 169 -13.61 6.26 -39.55
N VAL A 170 -13.02 7.35 -39.09
CA VAL A 170 -13.17 7.78 -37.70
C VAL A 170 -13.66 9.21 -37.68
N SER A 171 -14.16 9.62 -36.52
CA SER A 171 -14.67 10.96 -36.34
C SER A 171 -14.07 11.57 -35.09
N VAL A 172 -13.90 12.89 -35.12
CA VAL A 172 -13.35 13.64 -34.01
C VAL A 172 -14.13 14.95 -33.88
N ILE A 173 -14.03 15.54 -32.70
CA ILE A 173 -14.67 16.81 -32.38
C ILE A 173 -13.60 17.77 -31.89
N ALA A 174 -13.73 19.04 -32.26
CA ALA A 174 -12.83 20.06 -31.72
C ALA A 174 -12.86 20.05 -30.20
N GLY A 175 -11.69 20.26 -29.60
CA GLY A 175 -11.57 20.28 -28.15
C GLY A 175 -11.86 18.95 -27.50
N ASN A 176 -11.33 17.86 -28.07
CA ASN A 176 -11.65 16.51 -27.63
C ASN A 176 -10.64 15.58 -28.27
N SER A 177 -9.88 14.85 -27.47
CA SER A 177 -8.80 14.00 -27.96
C SER A 177 -9.27 12.60 -28.34
N ALA A 178 -10.51 12.26 -28.03
CA ALA A 178 -11.05 10.94 -28.34
C ALA A 178 -11.29 10.77 -29.85
N VAL A 179 -10.98 9.57 -30.35
CA VAL A 179 -11.25 9.18 -31.72
C VAL A 179 -12.42 8.20 -31.73
N TYR A 180 -13.49 8.56 -32.45
CA TYR A 180 -14.69 7.75 -32.46
C TYR A 180 -14.81 6.94 -33.75
N ASP A 181 -15.41 5.76 -33.63
CA ASP A 181 -15.58 4.89 -34.79
C ASP A 181 -16.59 5.45 -35.79
N SER A 182 -17.49 6.35 -35.36
CA SER A 182 -18.52 6.85 -36.25
C SER A 182 -18.93 8.25 -35.82
N ARG A 183 -19.54 8.98 -36.76
CA ARG A 183 -20.03 10.33 -36.44
C ARG A 183 -21.18 10.27 -35.45
N ALA A 184 -21.99 9.21 -35.49
CA ALA A 184 -23.05 9.02 -34.51
C ALA A 184 -22.49 8.92 -33.09
N ASP A 185 -21.47 8.06 -32.91
CA ASP A 185 -20.77 7.96 -31.63
C ASP A 185 -20.29 9.32 -31.16
N ALA A 186 -19.52 10.04 -32.00
CA ALA A 186 -19.05 11.37 -31.64
C ALA A 186 -20.21 12.32 -31.34
N PHE A 187 -21.29 12.23 -32.12
CA PHE A 187 -22.43 13.13 -31.91
C PHE A 187 -23.05 12.89 -30.54
N ARG A 188 -23.25 11.62 -30.18
CA ARG A 188 -23.83 11.29 -28.88
C ARG A 188 -22.87 11.62 -27.75
N ALA A 189 -21.56 11.67 -28.03
CA ALA A 189 -20.63 12.13 -27.01
C ALA A 189 -20.85 13.59 -26.68
N ALA A 190 -21.08 14.42 -27.70
CA ALA A 190 -21.28 15.83 -27.43
C ALA A 190 -22.67 16.11 -26.89
N PHE A 191 -23.69 15.43 -27.41
CA PHE A 191 -25.07 15.63 -26.99
C PHE A 191 -25.59 14.36 -26.31
N GLY A 192 -25.01 14.06 -25.15
CA GLY A 192 -25.33 12.83 -24.46
C GLY A 192 -24.57 12.77 -23.14
N VAL A 193 -24.99 11.84 -22.28
CA VAL A 193 -24.38 11.75 -20.96
C VAL A 193 -22.92 11.34 -21.12
N ALA A 194 -22.04 11.97 -20.36
CA ALA A 194 -20.63 11.65 -20.45
C ALA A 194 -19.97 12.12 -19.17
N LEU A 195 -18.93 11.38 -18.77
CA LEU A 195 -18.18 11.69 -17.55
C LEU A 195 -19.08 11.68 -16.32
N ALA A 196 -18.55 12.20 -15.22
CA ALA A 196 -19.31 12.33 -13.99
C ALA A 196 -18.72 13.45 -13.15
N ASP A 197 -18.68 14.66 -13.67
CA ASP A 197 -18.01 15.73 -12.95
C ASP A 197 -18.96 16.61 -12.16
N ALA A 198 -20.22 16.19 -12.02
CA ALA A 198 -21.13 16.85 -11.10
C ALA A 198 -20.98 16.17 -9.74
N HIS A 199 -20.97 16.97 -8.69
CA HIS A 199 -20.76 16.48 -7.33
C HIS A 199 -21.88 17.00 -6.44
N TRP A 200 -22.79 16.12 -6.05
CA TRP A 200 -23.84 16.47 -5.10
C TRP A 200 -23.26 16.26 -3.71
N VAL A 201 -22.85 17.36 -3.07
CA VAL A 201 -21.97 17.30 -1.92
C VAL A 201 -22.67 17.55 -0.58
N ASP A 202 -23.83 18.23 -0.58
CA ASP A 202 -24.75 18.13 0.56
C ASP A 202 -26.18 18.35 0.05
N LYS A 203 -27.13 18.45 0.99
CA LYS A 203 -28.54 18.40 0.63
C LYS A 203 -28.91 19.37 -0.49
N THR A 204 -28.41 20.61 -0.39
CA THR A 204 -28.82 21.68 -1.30
C THR A 204 -27.69 22.16 -2.22
N THR A 205 -26.56 21.47 -2.29
CA THR A 205 -25.37 21.98 -2.99
C THR A 205 -24.89 20.97 -4.02
N LEU A 206 -25.00 21.33 -5.30
CA LEU A 206 -24.35 20.61 -6.39
C LEU A 206 -23.18 21.43 -6.90
N LEU A 207 -22.00 20.81 -7.00
CA LEU A 207 -20.84 21.43 -7.62
C LEU A 207 -20.61 20.82 -8.99
N TRP A 208 -20.50 21.66 -9.99
CA TRP A 208 -20.41 21.18 -11.36
C TRP A 208 -19.82 22.28 -12.22
N PRO A 209 -18.83 21.97 -13.06
CA PRO A 209 -18.33 22.97 -14.02
C PRO A 209 -19.27 23.16 -15.18
N GLY A 210 -19.88 22.08 -15.67
CA GLY A 210 -20.72 22.16 -16.85
C GLY A 210 -21.87 23.14 -16.73
N GLY A 211 -22.22 23.54 -15.51
CA GLY A 211 -23.37 24.40 -15.28
C GLY A 211 -23.08 25.88 -15.34
N GLU A 212 -21.81 26.26 -15.21
CA GLU A 212 -21.43 27.68 -15.03
C GLU A 212 -21.88 28.53 -16.21
N ASN A 213 -22.69 29.56 -15.91
CA ASN A 213 -23.18 30.51 -16.93
C ASN A 213 -23.92 29.82 -18.07
N LYS A 214 -25.00 29.17 -17.70
CA LYS A 214 -25.91 28.51 -18.62
C LYS A 214 -27.30 28.86 -18.15
N PRO A 215 -28.23 29.08 -19.11
CA PRO A 215 -29.57 29.51 -18.71
C PRO A 215 -30.24 28.42 -17.89
N ILE A 216 -30.18 27.16 -18.32
CA ILE A 216 -30.87 26.05 -17.62
C ILE A 216 -29.85 25.14 -16.96
N VAL A 217 -30.00 24.95 -15.65
CA VAL A 217 -29.16 24.04 -14.87
C VAL A 217 -30.10 23.21 -14.00
N ARG A 218 -30.18 21.91 -14.26
CA ARG A 218 -31.16 21.04 -13.60
C ARG A 218 -30.56 19.70 -13.24
N LEU A 219 -31.03 19.16 -12.11
CA LEU A 219 -30.67 17.81 -11.64
C LEU A 219 -31.81 16.86 -12.00
N TYR A 220 -31.70 16.20 -13.16
CA TYR A 220 -32.65 15.18 -13.60
C TYR A 220 -32.43 13.87 -12.84
N TYR A 221 -33.49 13.06 -12.76
CA TYR A 221 -33.42 11.82 -12.02
C TYR A 221 -34.46 10.86 -12.58
N SER A 222 -34.08 9.58 -12.67
CA SER A 222 -34.93 8.50 -13.11
C SER A 222 -34.77 7.34 -12.13
N HIS A 223 -35.90 6.88 -11.59
CA HIS A 223 -35.86 5.82 -10.59
C HIS A 223 -35.32 4.51 -11.17
N SER A 224 -35.72 4.17 -12.40
CA SER A 224 -35.62 2.80 -12.86
C SER A 224 -34.99 2.61 -14.23
N SER A 225 -34.57 3.69 -14.90
CA SER A 225 -33.89 3.54 -16.18
C SER A 225 -32.92 4.69 -16.33
N LYS A 226 -32.15 4.66 -17.42
CA LYS A 226 -31.11 5.66 -17.65
C LYS A 226 -31.73 6.89 -18.28
N VAL A 227 -31.53 8.04 -17.63
CA VAL A 227 -31.91 9.34 -18.20
C VAL A 227 -31.36 9.41 -19.62
N ALA A 228 -32.26 9.45 -20.60
CA ALA A 228 -31.90 9.58 -22.00
C ALA A 228 -33.00 10.39 -22.67
N ALA A 229 -32.68 10.98 -23.83
CA ALA A 229 -33.69 11.71 -24.58
C ALA A 229 -34.80 10.75 -25.01
N ASP A 230 -36.05 11.19 -24.89
CA ASP A 230 -37.18 10.35 -25.30
C ASP A 230 -37.31 10.34 -26.82
N SER A 231 -38.38 9.74 -27.32
CA SER A 231 -38.54 9.57 -28.76
C SER A 231 -38.73 10.90 -29.47
N ASN A 232 -39.15 11.94 -28.75
CA ASN A 232 -39.25 13.30 -29.26
C ASN A 232 -37.97 14.10 -29.06
N GLY A 233 -36.84 13.41 -28.80
CA GLY A 233 -35.56 14.05 -28.60
C GLY A 233 -35.54 14.95 -27.38
N GLU A 234 -36.53 14.79 -26.52
CA GLU A 234 -36.65 15.60 -25.32
C GLU A 234 -36.27 14.78 -24.09
N PHE A 235 -35.89 15.49 -23.04
CA PHE A 235 -35.54 14.89 -21.76
C PHE A 235 -36.73 15.11 -20.84
N SER A 236 -37.62 14.11 -20.80
CA SER A 236 -38.91 14.25 -20.12
C SER A 236 -38.92 13.62 -18.74
N ASP A 237 -37.76 13.27 -18.19
CA ASP A 237 -37.72 12.74 -16.83
C ASP A 237 -37.84 13.88 -15.82
N LYS A 238 -38.23 13.52 -14.59
CA LYS A 238 -38.35 14.52 -13.54
C LYS A 238 -37.01 15.15 -13.24
N TYR A 239 -37.04 16.39 -12.75
CA TYR A 239 -35.81 17.09 -12.42
C TYR A 239 -36.05 18.06 -11.27
N VAL A 240 -34.96 18.40 -10.58
CA VAL A 240 -34.92 19.49 -9.64
C VAL A 240 -34.18 20.64 -10.31
N LYS A 241 -34.62 21.86 -10.07
CA LYS A 241 -34.01 23.02 -10.71
C LYS A 241 -32.94 23.61 -9.81
N LEU A 242 -31.86 24.04 -10.43
CA LEU A 242 -30.67 24.51 -9.72
C LEU A 242 -30.42 25.96 -10.10
N THR A 243 -30.14 26.79 -9.11
CA THR A 243 -29.81 28.19 -9.35
C THR A 243 -28.41 28.48 -8.86
N PRO A 244 -27.67 29.35 -9.56
CA PRO A 244 -26.29 29.66 -9.14
C PRO A 244 -26.24 30.08 -7.67
N THR A 245 -25.18 29.65 -6.99
CA THR A 245 -24.93 30.06 -5.62
C THR A 245 -23.42 30.09 -5.42
N THR A 246 -23.00 30.37 -4.19
CA THR A 246 -21.59 30.40 -3.82
C THR A 246 -21.30 29.30 -2.83
N VAL A 247 -20.21 28.56 -3.07
CA VAL A 247 -19.81 27.45 -2.23
C VAL A 247 -19.72 27.92 -0.79
N ASN A 248 -20.22 27.13 0.13
CA ASN A 248 -20.30 27.58 1.51
C ASN A 248 -19.06 27.19 2.29
N GLN A 249 -18.95 27.72 3.51
CA GLN A 249 -17.72 27.60 4.26
C GLN A 249 -17.44 26.16 4.68
N GLN A 250 -18.49 25.38 5.00
CA GLN A 250 -18.25 24.02 5.47
C GLN A 250 -18.18 23.02 4.33
N VAL A 251 -18.74 23.31 3.17
CA VAL A 251 -18.50 22.47 2.01
C VAL A 251 -17.04 22.58 1.56
N SER A 252 -16.49 23.79 1.58
CA SER A 252 -15.11 23.98 1.12
C SER A 252 -14.11 23.35 2.08
N MET A 253 -14.41 23.39 3.39
CA MET A 253 -13.65 22.58 4.33
C MET A 253 -13.76 21.09 4.01
N ARG A 254 -14.99 20.62 3.77
CA ARG A 254 -15.19 19.20 3.50
C ARG A 254 -14.47 18.76 2.24
N PHE A 255 -14.64 19.48 1.13
CA PHE A 255 -14.07 19.10 -0.15
C PHE A 255 -13.20 20.23 -0.72
N PRO A 256 -12.02 20.45 -0.13
CA PRO A 256 -11.15 21.53 -0.61
C PRO A 256 -10.80 21.41 -2.08
N HIS A 257 -10.61 20.18 -2.58
CA HIS A 257 -10.27 20.00 -3.97
C HIS A 257 -11.42 20.35 -4.92
N LEU A 258 -12.59 20.67 -4.38
CA LEU A 258 -13.74 21.02 -5.20
C LEU A 258 -14.17 22.47 -4.99
N ALA A 259 -13.53 23.19 -4.07
CA ALA A 259 -14.00 24.51 -3.67
C ALA A 259 -13.96 25.53 -4.80
N SER A 260 -13.29 25.23 -5.90
CA SER A 260 -13.27 26.09 -7.08
C SER A 260 -14.27 25.64 -8.13
N TYR A 261 -15.20 24.94 -7.76
CA TYR A 261 -16.20 24.46 -8.70
C TYR A 261 -17.39 25.43 -8.73
N PRO A 262 -17.98 25.67 -9.91
CA PRO A 262 -19.21 26.47 -9.97
C PRO A 262 -20.34 25.81 -9.16
N ALA A 263 -20.82 26.53 -8.14
CA ALA A 263 -21.79 26.02 -7.18
C ALA A 263 -23.24 26.28 -7.62
N PHE A 264 -24.15 25.45 -7.12
CA PHE A 264 -25.57 25.54 -7.46
C PHE A 264 -26.44 25.07 -6.29
N LYS A 265 -27.61 25.68 -6.19
CA LYS A 265 -28.51 25.46 -5.07
C LYS A 265 -29.73 24.64 -5.52
N LEU A 266 -30.13 23.72 -4.66
CA LEU A 266 -31.35 22.94 -4.73
C LEU A 266 -32.37 23.52 -3.77
N PRO A 267 -33.65 23.46 -4.13
CA PRO A 267 -34.69 23.91 -3.21
C PRO A 267 -34.61 23.18 -1.88
N ASP A 268 -34.81 23.91 -0.78
CA ASP A 268 -34.74 23.31 0.55
C ASP A 268 -35.71 22.14 0.72
N ASP A 269 -36.72 22.01 -0.14
CA ASP A 269 -37.77 21.00 0.02
C ASP A 269 -37.54 19.76 -0.82
N VAL A 270 -36.43 19.69 -1.57
CA VAL A 270 -36.15 18.52 -2.37
C VAL A 270 -36.15 17.28 -1.48
N ASN A 271 -36.76 16.21 -1.99
CA ASN A 271 -36.79 14.94 -1.26
C ASN A 271 -35.59 14.12 -1.74
N VAL A 272 -34.48 14.23 -1.01
CA VAL A 272 -33.25 13.61 -1.48
C VAL A 272 -33.38 12.09 -1.53
N ASP A 273 -34.07 11.48 -0.56
CA ASP A 273 -34.26 10.03 -0.56
C ASP A 273 -34.77 9.54 -1.91
N GLU A 274 -35.67 10.28 -2.55
CA GLU A 274 -36.22 9.78 -3.80
C GLU A 274 -35.21 9.87 -4.93
N LEU A 275 -34.43 10.96 -5.00
CA LEU A 275 -33.45 11.10 -6.08
C LEU A 275 -32.32 10.08 -5.92
N LEU A 276 -31.90 9.81 -4.69
CA LEU A 276 -30.72 8.99 -4.47
C LEU A 276 -30.97 7.51 -4.72
N GLN A 277 -32.21 7.10 -4.99
CA GLN A 277 -32.51 5.70 -5.20
C GLN A 277 -32.42 5.28 -6.66
N GLY A 278 -32.16 6.22 -7.58
CA GLY A 278 -32.00 5.87 -8.97
C GLY A 278 -30.82 6.58 -9.59
N GLU A 279 -30.80 6.70 -10.91
CA GLU A 279 -29.81 7.52 -11.58
C GLU A 279 -30.15 9.00 -11.43
N THR A 280 -29.14 9.81 -11.14
CA THR A 280 -29.24 11.27 -11.20
C THR A 280 -28.21 11.79 -12.21
N VAL A 281 -28.64 12.70 -13.07
CA VAL A 281 -27.81 13.28 -14.11
C VAL A 281 -27.98 14.79 -14.10
N ALA A 282 -26.88 15.52 -13.98
CA ALA A 282 -26.91 16.97 -14.06
C ALA A 282 -26.88 17.42 -15.52
N ILE A 283 -27.86 18.23 -15.90
CA ILE A 283 -28.03 18.68 -17.28
C ILE A 283 -28.03 20.19 -17.32
N ALA A 284 -27.39 20.75 -18.35
CA ALA A 284 -27.35 22.19 -18.59
C ALA A 284 -27.74 22.44 -20.04
N ALA A 285 -28.44 23.55 -20.28
CA ALA A 285 -28.97 23.80 -21.60
C ALA A 285 -29.01 25.30 -21.88
N GLU A 286 -29.02 25.64 -23.17
CA GLU A 286 -29.08 27.03 -23.61
C GLU A 286 -30.47 27.62 -23.38
N SER A 287 -30.64 28.88 -23.82
CA SER A 287 -31.94 29.53 -23.69
C SER A 287 -33.06 28.78 -24.42
N ASP A 288 -32.79 28.32 -25.65
CA ASP A 288 -33.79 27.60 -26.44
C ASP A 288 -34.04 26.19 -25.94
N GLY A 289 -33.35 25.76 -24.89
CA GLY A 289 -33.48 24.42 -24.36
C GLY A 289 -32.53 23.39 -24.93
N ILE A 290 -31.67 23.78 -25.88
CA ILE A 290 -30.73 22.81 -26.44
C ILE A 290 -29.69 22.44 -25.39
N LEU A 291 -29.52 21.14 -25.18
CA LEU A 291 -28.53 20.56 -24.28
C LEU A 291 -27.14 21.12 -24.53
N SER A 292 -26.53 21.69 -23.49
CA SER A 292 -25.11 22.01 -23.64
C SER A 292 -24.22 20.85 -23.17
N SER A 293 -24.46 20.31 -21.98
CA SER A 293 -23.82 19.06 -21.56
C SER A 293 -24.70 18.33 -20.55
N ALA A 294 -24.27 17.10 -20.22
CA ALA A 294 -24.94 16.26 -19.23
C ALA A 294 -23.97 15.21 -18.71
N THR A 295 -23.95 15.04 -17.40
CA THR A 295 -22.96 14.19 -16.76
C THR A 295 -23.59 13.43 -15.58
N GLN A 296 -22.95 12.33 -15.19
CA GLN A 296 -23.38 11.63 -13.99
C GLN A 296 -22.91 12.38 -12.75
N VAL A 297 -23.48 11.99 -11.62
CA VAL A 297 -23.36 12.75 -10.38
C VAL A 297 -22.69 11.87 -9.33
N GLN A 298 -21.72 12.43 -8.61
CA GLN A 298 -21.13 11.78 -7.46
C GLN A 298 -21.86 12.26 -6.22
N THR A 299 -22.28 11.31 -5.38
CA THR A 299 -23.25 11.58 -4.33
C THR A 299 -22.73 11.29 -2.92
N ALA A 300 -21.45 10.92 -2.77
CA ALA A 300 -20.94 10.54 -1.46
C ALA A 300 -21.10 11.66 -0.43
N GLY A 301 -20.92 12.92 -0.85
CA GLY A 301 -21.04 14.02 0.09
C GLY A 301 -22.46 14.17 0.62
N VAL A 302 -23.44 14.24 -0.29
CA VAL A 302 -24.82 14.37 0.17
C VAL A 302 -25.26 13.14 0.95
N LEU A 303 -24.72 11.96 0.61
CA LEU A 303 -25.05 10.76 1.38
C LEU A 303 -24.60 10.91 2.83
N ASP A 304 -23.39 11.46 3.03
CA ASP A 304 -22.91 11.72 4.38
C ASP A 304 -23.70 12.82 5.06
N ASP A 305 -23.98 13.91 4.33
CA ASP A 305 -24.79 14.99 4.90
C ASP A 305 -26.18 14.49 5.30
N THR A 306 -26.78 13.61 4.50
CA THR A 306 -28.13 13.12 4.77
C THR A 306 -28.15 12.06 5.87
N TYR A 307 -27.30 11.05 5.76
CA TYR A 307 -27.48 9.84 6.55
C TYR A 307 -26.45 9.60 7.64
N ALA A 308 -25.23 10.17 7.51
CA ALA A 308 -24.13 9.68 8.30
C ALA A 308 -24.39 9.89 9.79
N ALA A 309 -24.99 11.02 10.16
CA ALA A 309 -25.23 11.27 11.58
C ALA A 309 -26.07 10.17 12.19
N ALA A 310 -27.16 9.77 11.52
CA ALA A 310 -28.01 8.71 12.05
C ALA A 310 -27.33 7.35 11.93
N ALA A 311 -26.75 7.06 10.76
CA ALA A 311 -26.14 5.75 10.50
C ALA A 311 -24.97 5.44 11.44
N GLU A 312 -24.19 6.46 11.83
CA GLU A 312 -23.08 6.26 12.76
C GLU A 312 -23.55 5.78 14.13
N ALA A 313 -24.81 6.05 14.51
CA ALA A 313 -25.30 5.63 15.82
C ALA A 313 -25.67 4.15 15.89
N LEU A 314 -25.64 3.44 14.76
CA LEU A 314 -26.08 2.05 14.70
C LEU A 314 -24.88 1.12 14.65
N SER A 315 -25.11 -0.15 14.97
CA SER A 315 -24.13 -1.21 14.81
C SER A 315 -24.54 -2.10 13.65
N TYR A 316 -23.55 -2.70 12.96
CA TYR A 316 -23.77 -3.37 11.68
C TYR A 316 -23.31 -4.83 11.71
N GLY A 317 -23.72 -5.55 10.68
CA GLY A 317 -23.45 -6.98 10.60
C GLY A 317 -24.55 -7.81 11.22
N ALA A 318 -24.26 -9.12 11.36
CA ALA A 318 -25.16 -10.07 12.00
C ALA A 318 -24.79 -10.15 13.48
N GLN A 319 -25.63 -9.59 14.34
CA GLN A 319 -25.27 -9.37 15.74
C GLN A 319 -26.19 -10.19 16.65
N LEU A 320 -25.58 -11.04 17.47
CA LEU A 320 -26.35 -11.79 18.47
C LEU A 320 -26.77 -10.86 19.59
N THR A 321 -28.04 -10.87 19.93
CA THR A 321 -28.57 -10.09 21.04
C THR A 321 -29.27 -11.03 22.01
N ASP A 322 -29.96 -10.45 22.99
CA ASP A 322 -30.77 -11.22 23.91
C ASP A 322 -31.85 -11.99 23.18
N SER A 323 -32.66 -11.27 22.41
CA SER A 323 -33.83 -11.85 21.77
C SER A 323 -33.45 -12.79 20.63
N GLY A 324 -32.32 -12.54 19.95
CA GLY A 324 -31.97 -13.33 18.79
C GLY A 324 -30.80 -12.75 18.01
N VAL A 325 -31.00 -12.51 16.72
CA VAL A 325 -29.96 -11.97 15.86
C VAL A 325 -30.54 -10.75 15.15
N THR A 326 -29.83 -9.64 15.20
CA THR A 326 -30.15 -8.46 14.41
C THR A 326 -29.15 -8.32 13.27
N PHE A 327 -29.66 -8.28 12.04
CA PHE A 327 -28.85 -8.03 10.85
C PHE A 327 -28.98 -6.56 10.49
N ARG A 328 -27.85 -5.90 10.22
CA ARG A 328 -27.97 -4.53 9.72
C ARG A 328 -26.85 -4.24 8.72
N VAL A 329 -27.24 -3.67 7.59
CA VAL A 329 -26.30 -3.27 6.55
C VAL A 329 -26.65 -1.85 6.10
N TRP A 330 -25.62 -1.07 5.79
CA TRP A 330 -25.82 0.31 5.33
C TRP A 330 -25.90 0.32 3.82
N ALA A 331 -27.03 0.79 3.29
CA ALA A 331 -27.29 0.79 1.85
C ALA A 331 -28.25 1.93 1.55
N PRO A 332 -27.82 3.17 1.76
CA PRO A 332 -28.75 4.31 1.68
C PRO A 332 -29.33 4.53 0.29
N THR A 333 -28.72 4.00 -0.77
CA THR A 333 -29.28 4.21 -2.11
C THR A 333 -30.01 3.00 -2.65
N ALA A 334 -30.01 1.87 -1.93
CA ALA A 334 -30.60 0.65 -2.46
C ALA A 334 -32.11 0.78 -2.53
N GLN A 335 -32.70 0.24 -3.59
CA GLN A 335 -34.14 0.17 -3.72
C GLN A 335 -34.76 -0.95 -2.88
N GLN A 336 -34.09 -2.12 -2.80
CA GLN A 336 -34.52 -3.23 -1.94
C GLN A 336 -33.28 -3.94 -1.41
N VAL A 337 -33.33 -4.34 -0.14
CA VAL A 337 -32.35 -5.27 0.43
C VAL A 337 -33.10 -6.47 1.00
N GLU A 338 -32.73 -7.66 0.56
CA GLU A 338 -33.32 -8.89 1.04
C GLU A 338 -32.27 -9.72 1.74
N LEU A 339 -32.55 -10.14 2.98
CA LEU A 339 -31.62 -11.01 3.70
C LEU A 339 -31.87 -12.47 3.29
N VAL A 340 -30.88 -13.10 2.69
CA VAL A 340 -31.01 -14.48 2.22
C VAL A 340 -30.25 -15.38 3.18
N ILE A 341 -30.97 -16.34 3.78
CA ILE A 341 -30.39 -17.30 4.73
C ILE A 341 -30.09 -18.59 3.98
N TYR A 342 -28.92 -19.16 4.25
CA TYR A 342 -28.47 -20.38 3.57
C TYR A 342 -28.20 -21.48 4.59
N SER A 343 -28.52 -22.71 4.20
CA SER A 343 -28.12 -23.91 4.92
C SER A 343 -26.60 -24.10 4.83
N ALA A 344 -26.10 -25.02 5.66
CA ALA A 344 -24.69 -25.38 5.64
C ALA A 344 -24.21 -25.77 4.26
N ASP A 345 -25.02 -26.50 3.49
CA ASP A 345 -24.62 -26.83 2.13
C ASP A 345 -25.17 -25.83 1.11
N LYS A 346 -25.49 -24.61 1.54
CA LYS A 346 -25.75 -23.48 0.65
C LYS A 346 -27.05 -23.64 -0.15
N LYS A 347 -28.10 -24.10 0.52
CA LYS A 347 -29.46 -23.97 -0.01
C LYS A 347 -30.11 -22.77 0.68
N VAL A 348 -30.81 -21.95 -0.12
CA VAL A 348 -31.66 -20.91 0.45
C VAL A 348 -32.71 -21.57 1.32
N ILE A 349 -32.75 -21.22 2.60
CA ILE A 349 -33.78 -21.73 3.50
C ILE A 349 -34.73 -20.64 3.98
N ALA A 350 -34.44 -19.38 3.66
CA ALA A 350 -35.33 -18.26 3.96
C ALA A 350 -34.80 -17.04 3.22
N SER A 351 -35.71 -16.11 2.95
CA SER A 351 -35.38 -14.86 2.27
C SER A 351 -36.25 -13.76 2.86
N HIS A 352 -35.64 -12.77 3.51
CA HIS A 352 -36.39 -11.76 4.27
C HIS A 352 -36.21 -10.35 3.74
N PRO A 353 -37.26 -9.71 3.22
CA PRO A 353 -37.16 -8.28 2.89
C PRO A 353 -36.83 -7.49 4.15
N MET A 354 -35.80 -6.66 4.07
CA MET A 354 -35.32 -5.97 5.27
C MET A 354 -36.08 -4.66 5.45
N THR A 355 -35.94 -4.09 6.63
CA THR A 355 -36.66 -2.86 6.98
C THR A 355 -35.71 -1.69 6.79
N ARG A 356 -36.11 -0.73 5.97
CA ARG A 356 -35.30 0.46 5.73
C ARG A 356 -35.59 1.50 6.82
N ASP A 357 -34.52 1.96 7.48
CA ASP A 357 -34.59 3.10 8.40
C ASP A 357 -34.33 4.36 7.60
N SER A 358 -35.32 5.27 7.55
CA SER A 358 -35.20 6.42 6.66
C SER A 358 -34.26 7.50 7.20
N ALA A 359 -34.02 7.54 8.52
CA ALA A 359 -33.08 8.53 9.04
C ALA A 359 -31.64 8.15 8.68
N SER A 360 -31.33 6.85 8.68
CA SER A 360 -29.95 6.40 8.48
C SER A 360 -29.67 5.81 7.10
N GLY A 361 -30.67 5.35 6.37
CA GLY A 361 -30.38 4.60 5.18
C GLY A 361 -29.86 3.20 5.43
N ALA A 362 -29.85 2.75 6.69
CA ALA A 362 -29.52 1.37 7.02
C ALA A 362 -30.77 0.48 6.91
N TRP A 363 -30.52 -0.79 6.60
CA TRP A 363 -31.56 -1.82 6.52
C TRP A 363 -31.28 -2.87 7.60
N SER A 364 -32.34 -3.27 8.30
CA SER A 364 -32.23 -4.17 9.43
C SER A 364 -33.33 -5.24 9.36
N TRP A 365 -33.08 -6.37 10.02
CA TRP A 365 -34.04 -7.45 10.12
C TRP A 365 -33.69 -8.23 11.37
N GLN A 366 -34.71 -8.72 12.07
CA GLN A 366 -34.50 -9.43 13.34
C GLN A 366 -35.08 -10.82 13.26
N GLY A 367 -34.30 -11.81 13.68
CA GLY A 367 -34.75 -13.19 13.65
C GLY A 367 -34.28 -13.97 14.86
N GLY A 368 -34.44 -15.30 14.82
CA GLY A 368 -34.19 -16.10 16.00
C GLY A 368 -32.70 -16.37 16.27
N SER A 369 -32.44 -16.69 17.55
CA SER A 369 -31.11 -17.09 18.01
C SER A 369 -30.57 -18.30 17.28
N ASP A 370 -31.45 -19.15 16.75
CA ASP A 370 -31.00 -20.32 15.99
C ASP A 370 -30.29 -19.95 14.71
N LEU A 371 -30.32 -18.68 14.30
CA LEU A 371 -29.56 -18.23 13.13
C LEU A 371 -28.06 -18.15 13.39
N LYS A 372 -27.62 -18.22 14.64
CA LYS A 372 -26.20 -18.37 14.92
C LYS A 372 -25.65 -19.54 14.12
N GLY A 373 -24.55 -19.29 13.40
CA GLY A 373 -23.95 -20.31 12.57
C GLY A 373 -24.48 -20.36 11.15
N ALA A 374 -25.56 -19.67 10.86
CA ALA A 374 -26.16 -19.72 9.54
C ALA A 374 -25.36 -18.88 8.54
N PHE A 375 -25.36 -19.32 7.29
CA PHE A 375 -24.76 -18.54 6.22
C PHE A 375 -25.77 -17.57 5.63
N TYR A 376 -25.28 -16.43 5.16
CA TYR A 376 -26.19 -15.41 4.68
C TYR A 376 -25.50 -14.50 3.68
N ARG A 377 -26.30 -13.90 2.80
CA ARG A 377 -25.87 -12.80 1.94
C ARG A 377 -26.99 -11.77 1.90
N TYR A 378 -26.65 -10.55 1.49
CA TYR A 378 -27.65 -9.53 1.22
C TYR A 378 -27.93 -9.52 -0.29
N ALA A 379 -29.19 -9.74 -0.66
CA ALA A 379 -29.64 -9.65 -2.05
C ALA A 379 -29.99 -8.21 -2.32
N MET A 380 -29.14 -7.53 -3.11
CA MET A 380 -29.26 -6.09 -3.35
C MET A 380 -30.05 -5.83 -4.64
N THR A 381 -30.91 -4.82 -4.59
CA THR A 381 -31.47 -4.17 -5.79
C THR A 381 -31.02 -2.72 -5.74
N VAL A 382 -30.01 -2.35 -6.53
CA VAL A 382 -29.38 -1.04 -6.35
C VAL A 382 -28.80 -0.53 -7.67
N TYR A 383 -28.98 0.75 -7.92
CA TYR A 383 -28.39 1.39 -9.08
C TYR A 383 -26.89 1.55 -8.91
N HIS A 384 -26.12 1.14 -9.91
CA HIS A 384 -24.67 1.35 -9.88
C HIS A 384 -24.28 2.35 -10.97
N PRO A 385 -23.72 3.51 -10.61
CA PRO A 385 -23.37 4.51 -11.62
C PRO A 385 -22.41 4.00 -12.69
N GLN A 386 -21.49 3.09 -12.34
CA GLN A 386 -20.52 2.63 -13.33
C GLN A 386 -21.22 1.95 -14.50
N SER A 387 -22.19 1.08 -14.22
CA SER A 387 -22.93 0.40 -15.27
C SER A 387 -24.21 1.13 -15.66
N ARG A 388 -24.65 2.11 -14.87
CA ARG A 388 -25.91 2.82 -15.07
C ARG A 388 -27.12 1.86 -15.07
N LYS A 389 -26.97 0.72 -14.41
CA LYS A 389 -28.02 -0.29 -14.28
C LYS A 389 -28.45 -0.41 -12.84
N VAL A 390 -29.76 -0.55 -12.61
CA VAL A 390 -30.26 -1.10 -11.37
C VAL A 390 -29.80 -2.55 -11.31
N GLU A 391 -28.74 -2.82 -10.53
CA GLU A 391 -28.17 -4.15 -10.47
C GLU A 391 -28.93 -5.02 -9.46
N GLN A 392 -28.87 -6.33 -9.67
CA GLN A 392 -29.38 -7.31 -8.72
C GLN A 392 -28.33 -8.39 -8.49
N TYR A 393 -27.86 -8.50 -7.26
CA TYR A 393 -26.80 -9.45 -6.93
C TYR A 393 -26.77 -9.66 -5.43
N GLU A 394 -26.26 -10.82 -5.02
CA GLU A 394 -26.07 -11.12 -3.60
C GLU A 394 -24.64 -10.79 -3.22
N VAL A 395 -24.47 -10.12 -2.09
CA VAL A 395 -23.16 -9.68 -1.65
C VAL A 395 -22.97 -10.14 -0.21
N THR A 396 -21.74 -10.54 0.12
CA THR A 396 -21.41 -10.85 1.51
C THR A 396 -21.42 -9.59 2.37
N ASP A 397 -21.41 -9.78 3.68
CA ASP A 397 -21.52 -8.68 4.63
C ASP A 397 -20.17 -7.96 4.79
N PRO A 398 -20.10 -6.66 4.55
CA PRO A 398 -18.83 -5.95 4.82
C PRO A 398 -18.45 -5.98 6.29
N TYR A 399 -19.42 -6.14 7.19
CA TYR A 399 -19.15 -6.41 8.59
C TYR A 399 -19.15 -7.90 8.90
N ALA A 400 -18.90 -8.76 7.91
CA ALA A 400 -18.80 -10.19 8.18
C ALA A 400 -17.75 -10.43 9.25
N HIS A 401 -18.04 -11.37 10.15
CA HIS A 401 -17.05 -11.79 11.13
C HIS A 401 -16.78 -13.27 11.03
N SER A 402 -17.47 -13.99 10.14
CA SER A 402 -17.14 -15.37 9.81
C SER A 402 -17.50 -15.58 8.34
N LEU A 403 -16.81 -16.53 7.70
CA LEU A 403 -16.96 -16.73 6.27
C LEU A 403 -16.99 -18.22 5.94
N SER A 404 -17.62 -18.56 4.80
CA SER A 404 -17.48 -19.88 4.21
C SER A 404 -16.16 -19.93 3.45
N THR A 405 -15.87 -21.10 2.85
CA THR A 405 -14.61 -21.28 2.13
C THR A 405 -14.51 -20.30 0.96
N ASN A 406 -13.38 -19.60 0.87
CA ASN A 406 -13.13 -18.61 -0.18
C ASN A 406 -14.07 -17.41 -0.09
N SER A 407 -14.68 -17.17 1.08
CA SER A 407 -15.42 -15.94 1.37
C SER A 407 -16.69 -15.78 0.52
N GLU A 408 -17.28 -16.90 0.07
CA GLU A 408 -18.47 -16.81 -0.78
C GLU A 408 -19.70 -16.40 0.02
N TYR A 409 -19.80 -16.81 1.28
CA TYR A 409 -20.98 -16.52 2.10
C TYR A 409 -20.52 -15.94 3.42
N SER A 410 -21.24 -14.95 3.94
CA SER A 410 -20.94 -14.56 5.31
C SER A 410 -21.69 -15.49 6.26
N GLN A 411 -21.31 -15.45 7.54
CA GLN A 411 -21.84 -16.41 8.50
C GLN A 411 -22.09 -15.72 9.83
N VAL A 412 -23.24 -16.01 10.43
CA VAL A 412 -23.59 -15.42 11.72
C VAL A 412 -22.69 -16.03 12.79
N VAL A 413 -22.05 -15.17 13.59
CA VAL A 413 -21.11 -15.64 14.60
C VAL A 413 -21.16 -14.77 15.85
N ASP A 414 -20.97 -15.40 17.01
CA ASP A 414 -20.81 -14.70 18.27
C ASP A 414 -19.36 -14.89 18.70
N LEU A 415 -18.52 -13.88 18.48
CA LEU A 415 -17.10 -14.06 18.75
C LEU A 415 -16.82 -14.34 20.23
N ASN A 416 -17.77 -13.99 21.11
N ASN A 416 -17.72 -13.98 21.13
CA ASN A 416 -17.62 -14.20 22.54
CA ASN A 416 -17.46 -14.24 22.54
C ASN A 416 -17.77 -15.65 22.95
C ASN A 416 -17.84 -15.65 22.98
N ASP A 417 -18.30 -16.52 22.08
CA ASP A 417 -18.56 -17.90 22.46
C ASP A 417 -17.28 -18.58 22.92
N SER A 418 -17.35 -19.24 24.08
CA SER A 418 -16.17 -19.95 24.57
C SER A 418 -15.77 -21.08 23.63
N ALA A 419 -16.70 -21.59 22.82
CA ALA A 419 -16.38 -22.59 21.83
C ALA A 419 -15.41 -22.08 20.78
N LEU A 420 -15.33 -20.77 20.57
CA LEU A 420 -14.43 -20.18 19.59
C LEU A 420 -13.16 -19.63 20.22
N LYS A 421 -12.90 -19.94 21.49
CA LYS A 421 -11.76 -19.44 22.23
C LYS A 421 -10.90 -20.60 22.70
N PRO A 422 -9.57 -20.47 22.67
CA PRO A 422 -8.75 -21.49 23.32
C PRO A 422 -8.88 -21.33 24.82
N GLU A 423 -8.61 -22.41 25.53
CA GLU A 423 -8.71 -22.38 26.99
C GLU A 423 -7.79 -21.31 27.57
N GLY A 424 -8.34 -20.46 28.44
CA GLY A 424 -7.60 -19.38 29.06
C GLY A 424 -7.64 -18.06 28.30
N TRP A 425 -8.22 -18.04 27.09
CA TRP A 425 -8.25 -16.85 26.24
C TRP A 425 -8.57 -15.56 26.99
N ASP A 426 -9.63 -15.57 27.80
CA ASP A 426 -10.10 -14.32 28.40
C ASP A 426 -9.08 -13.70 29.34
N GLY A 427 -8.15 -14.49 29.88
CA GLY A 427 -7.13 -13.94 30.74
C GLY A 427 -5.76 -13.77 30.08
N LEU A 428 -5.74 -13.78 28.76
CA LEU A 428 -4.48 -13.64 28.03
C LEU A 428 -3.95 -12.24 28.23
N THR A 429 -2.71 -12.15 28.69
CA THR A 429 -2.10 -10.86 28.97
C THR A 429 -1.00 -10.54 27.96
N MET A 430 -0.77 -9.25 27.82
CA MET A 430 0.25 -8.63 27.00
C MET A 430 1.62 -8.80 27.66
N PRO A 431 2.52 -9.61 27.11
CA PRO A 431 3.82 -9.84 27.79
C PRO A 431 4.76 -8.65 27.80
N HIS A 432 4.50 -7.61 27.02
CA HIS A 432 5.35 -6.43 27.01
C HIS A 432 4.46 -5.21 27.19
N ALA A 433 4.84 -4.35 28.13
CA ALA A 433 4.08 -3.13 28.34
C ALA A 433 4.21 -2.20 27.14
N GLN A 434 3.14 -1.45 26.88
CA GLN A 434 3.12 -0.39 25.88
C GLN A 434 2.53 0.90 26.45
N LYS A 435 2.61 1.10 27.76
CA LYS A 435 1.88 2.20 28.39
C LYS A 435 2.60 3.53 28.24
N THR A 436 3.85 3.61 28.72
CA THR A 436 4.62 4.85 28.65
C THR A 436 5.39 4.93 27.34
N LYS A 437 5.94 6.12 27.08
CA LYS A 437 6.78 6.29 25.90
C LYS A 437 8.04 5.43 26.00
N ALA A 438 8.59 5.28 27.21
CA ALA A 438 9.72 4.37 27.40
C ALA A 438 9.34 2.92 27.14
N ASP A 439 8.09 2.57 27.46
CA ASP A 439 7.58 1.24 27.12
C ASP A 439 7.57 1.04 25.60
N LEU A 440 6.98 1.98 24.88
CA LEU A 440 6.86 1.87 23.43
C LEU A 440 8.23 1.80 22.77
N ALA A 441 9.21 2.57 23.29
CA ALA A 441 10.52 2.62 22.64
C ALA A 441 11.22 1.27 22.68
N LYS A 442 10.91 0.45 23.70
CA LYS A 442 11.49 -0.88 23.77
C LYS A 442 11.00 -1.80 22.68
N MET A 443 9.97 -1.40 21.92
CA MET A 443 9.40 -2.28 20.90
C MET A 443 10.45 -2.69 19.86
N THR A 444 10.56 -3.99 19.63
CA THR A 444 11.56 -4.60 18.74
C THR A 444 10.79 -5.62 17.91
N ILE A 445 10.50 -5.27 16.66
CA ILE A 445 9.51 -5.96 15.84
C ILE A 445 10.16 -6.95 14.88
N HIS A 446 9.52 -8.10 14.71
CA HIS A 446 9.95 -9.17 13.82
C HIS A 446 8.84 -9.42 12.79
N GLU A 447 8.99 -8.84 11.60
CA GLU A 447 7.91 -8.80 10.61
C GLU A 447 7.85 -10.12 9.87
N SER A 448 6.76 -10.87 10.06
CA SER A 448 6.65 -12.26 9.62
C SER A 448 5.41 -12.49 8.78
N HIS A 449 5.42 -13.62 8.08
CA HIS A 449 4.36 -14.06 7.19
C HIS A 449 4.04 -15.53 7.52
N ILE A 450 2.76 -15.90 7.47
CA ILE A 450 2.35 -17.24 7.92
C ILE A 450 3.07 -18.34 7.14
N ARG A 451 3.23 -18.19 5.82
CA ARG A 451 3.91 -19.26 5.08
C ARG A 451 5.42 -19.15 5.21
N ASP A 452 5.96 -17.93 5.11
CA ASP A 452 7.38 -17.73 5.35
C ASP A 452 7.84 -18.39 6.65
N LEU A 453 6.95 -18.49 7.65
CA LEU A 453 7.39 -19.04 8.94
C LEU A 453 7.57 -20.55 8.86
N SER A 454 6.65 -21.27 8.22
CA SER A 454 6.55 -22.71 8.41
C SER A 454 6.49 -23.54 7.14
N ALA A 455 6.40 -22.92 5.97
CA ALA A 455 6.19 -23.70 4.76
C ALA A 455 7.33 -24.69 4.52
N TRP A 456 8.54 -24.36 4.96
CA TRP A 456 9.72 -25.17 4.70
C TRP A 456 10.14 -26.03 5.90
N ASP A 457 9.47 -25.90 7.04
CA ASP A 457 9.98 -26.50 8.26
C ASP A 457 9.45 -27.92 8.40
N GLN A 458 10.33 -28.90 8.13
CA GLN A 458 9.98 -30.32 8.28
C GLN A 458 9.68 -30.69 9.72
N THR A 459 10.21 -29.94 10.68
CA THR A 459 9.90 -30.19 12.08
C THR A 459 8.57 -29.58 12.52
N VAL A 460 7.88 -28.88 11.63
CA VAL A 460 6.48 -28.50 11.86
C VAL A 460 5.64 -29.63 11.29
N PRO A 461 4.69 -30.19 12.05
CA PRO A 461 3.83 -31.25 11.50
C PRO A 461 3.23 -30.81 10.17
N ALA A 462 3.24 -31.75 9.22
CA ALA A 462 2.91 -31.43 7.83
C ALA A 462 1.61 -30.64 7.73
N GLU A 463 0.60 -31.04 8.48
CA GLU A 463 -0.71 -30.41 8.35
C GLU A 463 -0.75 -29.01 8.93
N LEU A 464 0.25 -28.61 9.71
CA LEU A 464 0.30 -27.26 10.25
C LEU A 464 1.20 -26.33 9.44
N ARG A 465 1.78 -26.80 8.35
CA ARG A 465 2.74 -25.99 7.62
C ARG A 465 2.01 -24.94 6.79
N GLY A 466 2.46 -23.69 6.91
CA GLY A 466 1.75 -22.59 6.31
C GLY A 466 0.43 -22.27 6.99
N LYS A 467 0.29 -22.61 8.26
CA LYS A 467 -0.97 -22.41 8.99
C LYS A 467 -0.72 -21.60 10.25
N TYR A 468 -1.79 -20.93 10.74
CA TYR A 468 -1.71 -20.28 12.05
C TYR A 468 -1.16 -21.20 13.13
N LEU A 469 -1.62 -22.45 13.16
CA LEU A 469 -1.32 -23.40 14.24
C LEU A 469 0.13 -23.88 14.23
N ALA A 470 0.91 -23.56 13.21
CA ALA A 470 2.33 -23.91 13.25
C ALA A 470 3.03 -23.21 14.41
N LEU A 471 2.51 -22.07 14.87
CA LEU A 471 3.10 -21.41 16.03
C LEU A 471 2.88 -22.20 17.32
N THR A 472 2.06 -23.25 17.29
CA THR A 472 1.86 -24.08 18.47
C THR A 472 2.78 -25.30 18.50
N ALA A 473 3.58 -25.52 17.45
CA ALA A 473 4.45 -26.70 17.37
C ALA A 473 5.73 -26.40 18.15
N GLN A 474 5.64 -26.60 19.48
CA GLN A 474 6.66 -26.10 20.41
C GLN A 474 8.04 -26.70 20.19
N GLU A 475 8.12 -27.89 19.61
CA GLU A 475 9.43 -28.49 19.37
C GLU A 475 10.00 -28.16 18.00
N SER A 476 9.25 -27.50 17.12
CA SER A 476 9.75 -27.23 15.77
C SER A 476 10.97 -26.31 15.82
N ASN A 477 11.81 -26.43 14.79
CA ASN A 477 12.93 -25.51 14.58
C ASN A 477 12.45 -24.06 14.60
N MET A 478 11.36 -23.77 13.88
CA MET A 478 10.90 -22.40 13.75
C MET A 478 10.47 -21.83 15.10
N VAL A 479 9.65 -22.56 15.85
CA VAL A 479 9.16 -22.01 17.10
C VAL A 479 10.31 -21.86 18.12
N GLN A 480 11.20 -22.86 18.19
CA GLN A 480 12.35 -22.76 19.11
C GLN A 480 13.22 -21.54 18.78
N HIS A 481 13.49 -21.32 17.49
CA HIS A 481 14.26 -20.16 17.06
C HIS A 481 13.56 -18.87 17.47
N LEU A 482 12.23 -18.82 17.30
CA LEU A 482 11.46 -17.64 17.72
C LEU A 482 11.53 -17.47 19.23
N LYS A 483 11.42 -18.58 19.97
CA LYS A 483 11.56 -18.50 21.43
C LYS A 483 12.95 -17.96 21.82
N GLN A 484 14.00 -18.42 21.15
CA GLN A 484 15.32 -17.87 21.41
C GLN A 484 15.38 -16.37 21.10
N LEU A 485 14.83 -15.97 19.96
CA LEU A 485 14.86 -14.54 19.63
C LEU A 485 14.12 -13.74 20.70
N SER A 486 13.03 -14.28 21.22
CA SER A 486 12.26 -13.54 22.21
C SER A 486 13.02 -13.40 23.51
N ALA A 487 13.56 -14.50 24.02
CA ALA A 487 14.40 -14.46 25.22
C ALA A 487 15.50 -13.41 25.09
N SER A 488 16.06 -13.23 23.87
CA SER A 488 17.13 -12.27 23.66
C SER A 488 16.65 -10.86 23.40
N GLY A 489 15.35 -10.62 23.28
CA GLY A 489 14.93 -9.25 23.19
C GLY A 489 14.16 -8.84 21.94
N VAL A 490 13.82 -9.78 21.05
CA VAL A 490 12.73 -9.47 20.15
C VAL A 490 11.43 -9.49 20.94
N THR A 491 10.64 -8.43 20.82
CA THR A 491 9.47 -8.26 21.68
C THR A 491 8.13 -8.42 20.97
N HIS A 492 8.08 -8.22 19.65
CA HIS A 492 6.82 -8.15 18.89
C HIS A 492 6.94 -8.96 17.61
N ILE A 493 5.94 -9.80 17.35
CA ILE A 493 5.75 -10.38 16.02
C ILE A 493 4.76 -9.49 15.29
N GLU A 494 5.11 -9.04 14.09
CA GLU A 494 4.19 -8.32 13.24
C GLU A 494 3.81 -9.24 12.10
N LEU A 495 2.51 -9.35 11.84
CA LEU A 495 1.97 -10.35 10.92
C LEU A 495 1.56 -9.67 9.63
N LEU A 496 2.16 -10.09 8.51
CA LEU A 496 1.64 -9.72 7.21
C LEU A 496 0.18 -10.20 7.10
N PRO A 497 -0.62 -9.59 6.18
CA PRO A 497 -2.08 -9.79 6.16
C PRO A 497 -2.60 -11.14 6.61
N VAL A 498 -3.28 -11.14 7.75
CA VAL A 498 -4.03 -12.31 8.22
C VAL A 498 -5.52 -12.02 8.35
N PHE A 499 -5.97 -10.83 7.95
CA PHE A 499 -7.37 -10.62 7.58
C PHE A 499 -7.65 -11.36 6.27
N ASP A 500 -8.92 -11.38 5.85
CA ASP A 500 -9.34 -12.16 4.68
C ASP A 500 -8.84 -11.52 3.38
N LEU A 501 -7.79 -12.10 2.80
CA LEU A 501 -7.25 -11.64 1.54
C LEU A 501 -7.95 -12.37 0.38
N ALA A 502 -7.85 -11.79 -0.81
CA ALA A 502 -8.54 -12.27 -2.00
C ALA A 502 -7.74 -13.21 -2.88
N THR A 503 -6.40 -13.14 -2.83
CA THR A 503 -5.52 -13.63 -3.90
C THR A 503 -4.92 -15.02 -3.63
N VAL A 504 -5.50 -15.78 -2.69
CA VAL A 504 -5.25 -17.21 -2.56
C VAL A 504 -6.60 -17.91 -2.60
N ASN A 505 -6.70 -18.95 -3.41
CA ASN A 505 -7.95 -19.71 -3.50
C ASN A 505 -8.02 -20.63 -2.28
N GLU A 506 -9.08 -20.47 -1.47
CA GLU A 506 -9.15 -21.26 -0.24
C GLU A 506 -9.75 -22.66 -0.48
N PHE A 507 -10.15 -22.98 -1.71
CA PHE A 507 -10.52 -24.34 -2.09
C PHE A 507 -9.25 -25.13 -2.37
N SER A 508 -8.86 -26.02 -1.45
CA SER A 508 -7.56 -26.67 -1.58
C SER A 508 -7.45 -27.50 -2.85
N ASP A 509 -8.58 -28.01 -3.36
CA ASP A 509 -8.59 -28.76 -4.62
C ASP A 509 -8.09 -27.93 -5.79
N LYS A 510 -8.19 -26.60 -5.70
CA LYS A 510 -7.82 -25.70 -6.79
C LYS A 510 -6.40 -25.16 -6.66
N VAL A 511 -5.61 -25.68 -5.72
CA VAL A 511 -4.31 -25.14 -5.38
C VAL A 511 -3.27 -26.24 -5.52
N ALA A 512 -2.09 -25.87 -6.01
CA ALA A 512 -0.93 -26.75 -6.03
C ALA A 512 0.28 -25.99 -5.48
N ASP A 513 0.94 -26.59 -4.51
CA ASP A 513 2.12 -26.03 -3.86
C ASP A 513 3.35 -26.86 -4.23
N ILE A 514 4.53 -26.25 -4.04
CA ILE A 514 5.74 -26.83 -4.63
C ILE A 514 6.14 -28.13 -3.94
N GLN A 515 5.62 -28.39 -2.74
CA GLN A 515 5.92 -29.65 -2.06
C GLN A 515 5.08 -30.82 -2.56
N GLN A 516 4.13 -30.59 -3.47
CA GLN A 516 3.27 -31.63 -4.01
C GLN A 516 3.76 -32.05 -5.39
N PRO A 517 3.31 -33.22 -5.88
CA PRO A 517 3.75 -33.67 -7.21
C PRO A 517 3.56 -32.61 -8.29
N PHE A 518 4.49 -32.62 -9.25
CA PHE A 518 4.36 -31.74 -10.40
C PHE A 518 3.08 -32.06 -11.18
N SER A 519 2.66 -33.32 -11.14
CA SER A 519 1.43 -33.70 -11.84
C SER A 519 0.23 -32.96 -11.25
N ARG A 520 0.22 -32.71 -9.93
CA ARG A 520 -0.87 -31.92 -9.33
C ARG A 520 -0.88 -30.49 -9.87
N LEU A 521 0.31 -29.91 -10.08
CA LEU A 521 0.39 -28.56 -10.66
C LEU A 521 -0.23 -28.53 -12.06
N CYS A 522 0.09 -29.53 -12.90
CA CYS A 522 -0.50 -29.57 -14.25
C CYS A 522 -2.01 -29.74 -14.18
N GLU A 523 -2.51 -30.56 -13.24
CA GLU A 523 -3.95 -30.75 -13.07
C GLU A 523 -4.66 -29.43 -12.77
N VAL A 524 -4.09 -28.61 -11.88
CA VAL A 524 -4.82 -27.40 -11.49
C VAL A 524 -4.46 -26.17 -12.32
N ASN A 525 -3.34 -26.18 -13.03
CA ASN A 525 -2.88 -24.99 -13.75
C ASN A 525 -2.78 -25.34 -15.23
N SER A 526 -3.80 -24.94 -16.00
CA SER A 526 -3.88 -25.36 -17.39
C SER A 526 -2.87 -24.66 -18.29
N ALA A 527 -2.12 -23.68 -17.78
CA ALA A 527 -1.07 -23.07 -18.57
C ALA A 527 0.20 -23.91 -18.59
N VAL A 528 0.39 -24.81 -17.62
CA VAL A 528 1.65 -25.54 -17.54
C VAL A 528 1.78 -26.52 -18.70
N LYS A 529 0.66 -27.10 -19.17
CA LYS A 529 0.73 -28.13 -20.20
C LYS A 529 1.16 -27.58 -21.55
N SER A 530 0.97 -26.29 -21.80
CA SER A 530 1.45 -25.66 -23.02
C SER A 530 2.72 -24.86 -22.79
N SER A 531 3.34 -25.00 -21.63
CA SER A 531 4.60 -24.35 -21.31
C SER A 531 5.77 -25.29 -21.61
N GLU A 532 6.97 -24.73 -21.59
CA GLU A 532 8.16 -25.53 -21.83
C GLU A 532 8.45 -26.54 -20.72
N PHE A 533 7.69 -26.56 -19.62
CA PHE A 533 7.88 -27.56 -18.58
C PHE A 533 6.83 -28.66 -18.64
N ALA A 534 6.04 -28.68 -19.72
CA ALA A 534 5.00 -29.69 -19.88
C ALA A 534 5.53 -31.11 -19.65
N GLY A 535 6.75 -31.38 -20.11
CA GLY A 535 7.33 -32.71 -19.97
C GLY A 535 7.41 -33.18 -18.54
N TYR A 536 7.45 -32.26 -17.58
CA TYR A 536 7.52 -32.67 -16.18
C TYR A 536 6.18 -33.14 -15.65
N CYS A 537 5.09 -32.95 -16.41
CA CYS A 537 3.78 -33.42 -15.94
C CYS A 537 3.80 -34.89 -15.59
N ASP A 538 4.57 -35.70 -16.34
CA ASP A 538 4.63 -37.15 -16.11
C ASP A 538 5.83 -37.57 -15.29
N SER A 539 6.59 -36.60 -14.74
CA SER A 539 7.93 -36.90 -14.24
C SER A 539 7.90 -37.76 -12.99
N GLY A 540 6.82 -37.70 -12.21
CA GLY A 540 6.82 -38.35 -10.91
C GLY A 540 7.54 -37.61 -9.81
N SER A 541 8.14 -36.44 -10.07
CA SER A 541 8.81 -35.67 -9.03
C SER A 541 7.98 -34.45 -8.65
N THR A 542 8.28 -33.88 -7.48
CA THR A 542 7.56 -32.71 -6.98
C THR A 542 7.98 -31.45 -7.76
N VAL A 543 7.20 -30.37 -7.61
CA VAL A 543 7.60 -29.10 -8.22
C VAL A 543 8.90 -28.60 -7.58
N GLU A 544 9.02 -28.77 -6.26
CA GLU A 544 10.24 -28.39 -5.55
C GLU A 544 11.46 -29.11 -6.11
N GLU A 545 11.31 -30.40 -6.43
CA GLU A 545 12.42 -31.14 -7.02
C GLU A 545 12.76 -30.59 -8.41
N VAL A 546 11.74 -30.21 -9.18
CA VAL A 546 12.01 -29.69 -10.52
C VAL A 546 12.69 -28.34 -10.43
N LEU A 547 12.22 -27.45 -9.55
CA LEU A 547 12.85 -26.15 -9.42
C LEU A 547 14.32 -26.29 -8.99
N THR A 548 14.60 -27.19 -8.06
CA THR A 548 15.98 -27.49 -7.68
C THR A 548 16.80 -27.93 -8.89
N GLN A 549 16.28 -28.89 -9.67
CA GLN A 549 16.99 -29.35 -10.86
C GLN A 549 17.21 -28.21 -11.85
N LEU A 550 16.25 -27.29 -11.95
CA LEU A 550 16.40 -26.16 -12.86
C LEU A 550 17.49 -25.18 -12.43
N LYS A 551 17.96 -25.28 -11.18
CA LYS A 551 18.99 -24.36 -10.70
C LYS A 551 20.27 -24.49 -11.52
N GLN A 552 20.61 -25.71 -11.94
CA GLN A 552 21.95 -26.02 -12.43
C GLN A 552 22.33 -25.16 -13.64
N ASN A 553 21.43 -25.01 -14.61
CA ASN A 553 21.75 -24.24 -15.80
C ASN A 553 20.96 -22.95 -15.90
N ASP A 554 20.60 -22.39 -14.74
CA ASP A 554 19.85 -21.15 -14.65
C ASP A 554 20.81 -19.97 -14.72
N SER A 555 20.49 -19.00 -15.56
CA SER A 555 21.36 -17.85 -15.74
C SER A 555 20.52 -16.71 -16.28
N LYS A 556 21.17 -15.54 -16.39
CA LYS A 556 20.53 -14.38 -17.01
C LYS A 556 20.10 -14.66 -18.44
N ASP A 557 20.70 -15.66 -19.07
CA ASP A 557 20.35 -16.03 -20.42
C ASP A 557 19.28 -17.11 -20.44
N ASN A 558 19.34 -18.05 -19.49
CA ASN A 558 18.36 -19.11 -19.33
C ASN A 558 17.71 -19.03 -17.95
N PRO A 559 16.71 -17.93 -17.71
CA PRO A 559 16.08 -17.75 -16.38
C PRO A 559 14.94 -18.73 -16.13
N GLN A 560 15.29 -20.02 -16.09
CA GLN A 560 14.27 -21.06 -16.14
C GLN A 560 13.64 -21.34 -14.77
N VAL A 561 14.38 -21.15 -13.67
CA VAL A 561 13.78 -21.28 -12.34
C VAL A 561 12.63 -20.30 -12.21
N GLN A 562 12.91 -19.03 -12.51
CA GLN A 562 11.89 -17.99 -12.43
C GLN A 562 10.75 -18.26 -13.42
N ALA A 563 11.06 -18.83 -14.59
CA ALA A 563 10.02 -19.07 -15.58
C ALA A 563 9.00 -20.08 -15.08
N LEU A 564 9.45 -21.19 -14.50
CA LEU A 564 8.49 -22.14 -13.95
C LEU A 564 7.77 -21.53 -12.75
N ASN A 565 8.47 -20.71 -11.94
CA ASN A 565 7.85 -20.22 -10.71
C ASN A 565 6.71 -19.25 -10.99
N THR A 566 6.79 -18.51 -12.09
CA THR A 566 5.71 -17.59 -12.45
C THR A 566 4.40 -18.34 -12.70
N LEU A 567 4.47 -19.56 -13.20
CA LEU A 567 3.28 -20.38 -13.35
C LEU A 567 2.85 -20.96 -12.00
N VAL A 568 3.81 -21.43 -11.20
CA VAL A 568 3.51 -21.89 -9.85
C VAL A 568 2.75 -20.80 -9.09
N ALA A 569 3.14 -19.54 -9.27
CA ALA A 569 2.60 -18.45 -8.49
C ALA A 569 1.11 -18.26 -8.73
N GLN A 570 0.61 -18.62 -9.92
CA GLN A 570 -0.79 -18.40 -10.24
C GLN A 570 -1.71 -19.28 -9.42
N THR A 571 -1.26 -20.46 -9.01
CA THR A 571 -2.18 -21.42 -8.39
C THR A 571 -1.65 -21.99 -7.09
N ASP A 572 -0.70 -21.34 -6.44
CA ASP A 572 -0.17 -21.84 -5.17
C ASP A 572 -0.89 -21.17 -4.01
N SER A 573 -0.44 -21.46 -2.81
CA SER A 573 -1.00 -20.93 -1.57
C SER A 573 -0.36 -19.60 -1.14
N TYR A 574 0.50 -19.00 -1.97
CA TYR A 574 1.38 -17.93 -1.52
C TYR A 574 0.92 -16.56 -2.01
N ASN A 575 0.81 -15.60 -1.09
CA ASN A 575 0.74 -14.18 -1.38
C ASN A 575 1.01 -13.40 -0.09
N TRP A 576 1.63 -12.22 -0.20
CA TRP A 576 1.70 -11.33 0.96
C TRP A 576 0.30 -11.02 1.48
N GLY A 577 -0.65 -10.87 0.56
CA GLY A 577 -2.06 -10.70 0.92
C GLY A 577 -2.53 -9.28 1.08
N TYR A 578 -1.88 -8.29 0.44
CA TYR A 578 -2.32 -6.92 0.54
C TYR A 578 -3.52 -6.68 -0.36
N ASP A 579 -4.54 -7.55 -0.25
CA ASP A 579 -5.63 -7.64 -1.22
C ASP A 579 -6.95 -7.88 -0.49
N PRO A 580 -7.50 -6.85 0.16
CA PRO A 580 -8.59 -7.05 1.13
C PRO A 580 -9.87 -7.53 0.49
N PHE A 581 -10.36 -8.67 0.96
CA PHE A 581 -11.69 -9.19 0.60
C PHE A 581 -12.69 -8.83 1.70
N HIS A 582 -12.43 -9.26 2.94
CA HIS A 582 -13.20 -8.84 4.11
C HIS A 582 -12.25 -8.39 5.21
N TYR A 583 -12.55 -7.23 5.80
CA TYR A 583 -11.61 -6.58 6.71
C TYR A 583 -11.56 -7.19 8.10
N THR A 584 -12.61 -7.91 8.51
CA THR A 584 -12.72 -8.28 9.91
C THR A 584 -13.01 -9.77 10.08
N VAL A 585 -12.52 -10.60 9.15
CA VAL A 585 -12.50 -12.05 9.30
C VAL A 585 -11.07 -12.52 9.11
N PRO A 586 -10.58 -13.51 9.86
CA PRO A 586 -9.25 -14.06 9.57
C PRO A 586 -9.22 -14.69 8.17
N GLU A 587 -8.01 -14.75 7.63
CA GLU A 587 -7.81 -15.42 6.36
C GLU A 587 -8.08 -16.92 6.51
N GLY A 588 -8.75 -17.51 5.52
CA GLY A 588 -9.11 -18.91 5.62
C GLY A 588 -8.05 -19.90 5.20
N SER A 589 -7.19 -19.54 4.22
CA SER A 589 -6.19 -20.50 3.74
C SER A 589 -5.14 -20.82 4.79
N TYR A 590 -4.96 -19.96 5.81
CA TYR A 590 -4.05 -20.22 6.92
C TYR A 590 -4.69 -21.11 7.99
N ALA A 591 -5.96 -21.46 7.82
CA ALA A 591 -6.68 -22.35 8.71
C ALA A 591 -6.57 -23.77 8.17
N THR A 592 -6.60 -24.75 9.08
CA THR A 592 -6.69 -26.15 8.64
C THR A 592 -8.02 -26.43 7.95
N ASP A 593 -9.07 -25.68 8.35
CA ASP A 593 -10.42 -25.83 7.80
C ASP A 593 -11.01 -24.45 7.49
N PRO A 594 -11.08 -24.05 6.22
CA PRO A 594 -11.61 -22.71 5.89
C PRO A 594 -13.13 -22.60 5.88
N GLU A 595 -13.88 -23.67 6.17
CA GLU A 595 -15.34 -23.63 6.05
C GLU A 595 -15.95 -23.25 7.38
N GLY A 596 -16.41 -22.01 7.51
CA GLY A 596 -17.03 -21.59 8.75
C GLY A 596 -16.09 -21.13 9.84
N THR A 597 -16.52 -21.31 11.09
CA THR A 597 -15.93 -20.61 12.24
C THR A 597 -14.60 -21.17 12.69
N ALA A 598 -14.14 -22.28 12.11
CA ALA A 598 -12.94 -22.94 12.64
C ALA A 598 -11.75 -22.00 12.64
N ARG A 599 -11.59 -21.18 11.59
CA ARG A 599 -10.43 -20.30 11.52
C ARG A 599 -10.36 -19.37 12.72
N ILE A 600 -11.51 -19.06 13.32
CA ILE A 600 -11.51 -18.08 14.39
C ILE A 600 -10.76 -18.62 15.60
N LYS A 601 -11.02 -19.89 15.96
CA LYS A 601 -10.35 -20.44 17.13
C LYS A 601 -8.88 -20.75 16.85
N GLU A 602 -8.53 -21.15 15.63
CA GLU A 602 -7.11 -21.37 15.29
C GLU A 602 -6.32 -20.06 15.29
N PHE A 603 -6.90 -18.99 14.76
CA PHE A 603 -6.23 -17.68 14.84
C PHE A 603 -5.95 -17.32 16.30
N ARG A 604 -6.96 -17.46 17.16
CA ARG A 604 -6.77 -17.11 18.58
C ARG A 604 -5.76 -18.03 19.24
N THR A 605 -5.76 -19.32 18.88
CA THR A 605 -4.79 -20.26 19.42
C THR A 605 -3.37 -19.85 19.03
N MET A 606 -3.21 -19.32 17.81
CA MET A 606 -1.94 -18.75 17.39
C MET A 606 -1.61 -17.51 18.24
N ILE A 607 -2.53 -16.55 18.32
CA ILE A 607 -2.28 -15.34 19.10
C ILE A 607 -1.90 -15.71 20.54
N GLN A 608 -2.64 -16.65 21.13
CA GLN A 608 -2.31 -17.09 22.48
C GLN A 608 -0.91 -17.68 22.56
N ALA A 609 -0.52 -18.53 21.61
CA ALA A 609 0.80 -19.15 21.64
C ALA A 609 1.90 -18.11 21.50
N ILE A 610 1.70 -17.11 20.64
CA ILE A 610 2.73 -16.07 20.50
C ILE A 610 2.91 -15.32 21.81
N LYS A 611 1.82 -14.91 22.44
CA LYS A 611 1.92 -14.11 23.67
C LYS A 611 2.39 -14.97 24.83
N GLN A 612 1.82 -16.16 24.99
CA GLN A 612 1.95 -16.98 26.20
C GLN A 612 3.11 -17.95 26.12
N ASP A 613 3.34 -18.57 24.96
CA ASP A 613 4.49 -19.47 24.86
C ASP A 613 5.74 -18.77 24.33
N LEU A 614 5.61 -17.84 23.39
CA LEU A 614 6.79 -17.18 22.84
C LEU A 614 7.13 -15.88 23.55
N GLY A 615 6.18 -15.31 24.30
CA GLY A 615 6.46 -14.12 25.07
C GLY A 615 6.48 -12.84 24.29
N MET A 616 5.79 -12.78 23.15
CA MET A 616 5.82 -11.58 22.32
C MET A 616 4.44 -10.97 22.14
N ASN A 617 4.41 -9.65 21.98
CA ASN A 617 3.20 -8.97 21.57
C ASN A 617 2.96 -9.19 20.07
N VAL A 618 1.77 -8.81 19.60
CA VAL A 618 1.38 -9.09 18.23
C VAL A 618 0.87 -7.81 17.58
N ILE A 619 1.44 -7.45 16.43
CA ILE A 619 1.00 -6.34 15.59
C ILE A 619 0.39 -6.93 14.32
N MET A 620 -0.75 -6.37 13.86
CA MET A 620 -1.31 -6.76 12.57
C MET A 620 -1.07 -5.68 11.51
N ASP A 621 -0.56 -6.11 10.36
CA ASP A 621 -0.69 -5.28 9.15
C ASP A 621 -2.16 -5.17 8.75
N VAL A 622 -2.61 -3.94 8.48
CA VAL A 622 -3.97 -3.70 8.00
C VAL A 622 -3.91 -2.83 6.77
N VAL A 623 -4.85 -3.07 5.86
CA VAL A 623 -4.85 -2.44 4.55
C VAL A 623 -6.20 -1.78 4.26
N TYR A 624 -6.57 -0.73 5.00
CA TYR A 624 -7.84 -0.04 4.73
C TYR A 624 -7.77 0.99 3.61
N ASN A 625 -6.63 1.18 2.98
CA ASN A 625 -6.46 2.23 1.96
C ASN A 625 -6.95 1.80 0.59
N HIS A 626 -7.32 0.53 0.43
CA HIS A 626 -7.89 0.10 -0.83
C HIS A 626 -8.64 -1.19 -0.60
N THR A 627 -9.52 -1.50 -1.56
CA THR A 627 -10.22 -2.75 -1.68
C THR A 627 -9.61 -3.53 -2.84
N ASN A 628 -9.91 -4.83 -2.89
CA ASN A 628 -9.32 -5.66 -3.92
C ASN A 628 -9.92 -5.39 -5.28
N ALA A 629 -11.18 -4.92 -5.33
CA ALA A 629 -11.88 -4.68 -6.58
C ALA A 629 -13.08 -3.78 -6.31
N ALA A 630 -13.62 -3.21 -7.39
CA ALA A 630 -14.78 -2.32 -7.30
C ALA A 630 -15.71 -2.65 -8.47
N GLY A 631 -16.77 -1.86 -8.62
CA GLY A 631 -17.68 -2.05 -9.72
C GLY A 631 -18.74 -3.07 -9.38
N PRO A 632 -19.70 -3.27 -10.29
CA PRO A 632 -20.85 -4.13 -10.02
C PRO A 632 -20.70 -5.60 -10.41
N THR A 633 -19.57 -6.02 -10.96
CA THR A 633 -19.45 -7.39 -11.46
C THR A 633 -18.37 -8.23 -10.79
N ASP A 634 -17.26 -7.65 -10.32
CA ASP A 634 -16.11 -8.45 -9.90
C ASP A 634 -16.41 -9.22 -8.62
N ARG A 635 -15.87 -10.44 -8.55
CA ARG A 635 -16.15 -11.34 -7.43
C ARG A 635 -15.84 -10.70 -6.08
N THR A 636 -14.74 -9.93 -5.99
CA THR A 636 -14.26 -9.46 -4.71
C THR A 636 -14.70 -8.04 -4.40
N SER A 637 -15.53 -7.45 -5.26
CA SER A 637 -16.13 -6.14 -5.00
C SER A 637 -17.30 -6.34 -4.04
N VAL A 638 -17.12 -5.87 -2.81
CA VAL A 638 -18.12 -6.03 -1.76
C VAL A 638 -18.68 -4.66 -1.44
N LEU A 639 -17.85 -3.81 -0.84
CA LEU A 639 -18.27 -2.46 -0.48
C LEU A 639 -18.89 -1.71 -1.65
N ASP A 640 -18.29 -1.81 -2.84
CA ASP A 640 -18.80 -1.01 -3.96
C ASP A 640 -20.03 -1.63 -4.64
N LYS A 641 -20.39 -2.87 -4.31
CA LYS A 641 -21.66 -3.38 -4.80
C LYS A 641 -22.83 -2.89 -3.95
N ILE A 642 -22.60 -2.70 -2.65
CA ILE A 642 -23.68 -2.38 -1.72
C ILE A 642 -23.97 -0.88 -1.72
N VAL A 643 -22.93 -0.04 -1.59
CA VAL A 643 -23.14 1.41 -1.72
C VAL A 643 -22.25 1.91 -2.85
N PRO A 644 -22.66 1.74 -4.11
CA PRO A 644 -21.79 2.13 -5.23
C PRO A 644 -21.29 3.57 -5.10
N TRP A 645 -19.99 3.75 -5.39
CA TRP A 645 -19.33 5.05 -5.48
C TRP A 645 -19.24 5.78 -4.14
N TYR A 646 -19.48 5.10 -3.03
CA TYR A 646 -19.32 5.75 -1.74
C TYR A 646 -18.02 5.38 -1.04
N TYR A 647 -17.63 4.10 -1.06
CA TYR A 647 -16.46 3.65 -0.32
C TYR A 647 -15.16 3.78 -1.11
N GLN A 648 -15.22 4.04 -2.41
CA GLN A 648 -14.03 4.19 -3.24
C GLN A 648 -13.75 5.66 -3.48
N ARG A 649 -12.47 6.03 -3.52
CA ARG A 649 -12.12 7.36 -4.00
C ARG A 649 -12.17 7.37 -5.52
N LEU A 650 -12.82 8.41 -6.05
CA LEU A 650 -13.07 8.55 -7.48
C LEU A 650 -12.33 9.76 -8.02
N ASN A 651 -11.98 9.68 -9.31
CA ASN A 651 -11.54 10.84 -10.07
C ASN A 651 -12.67 11.86 -10.18
N GLU A 652 -12.35 13.13 -9.89
CA GLU A 652 -13.37 14.18 -9.77
C GLU A 652 -14.03 14.52 -11.09
N THR A 653 -13.43 14.12 -12.20
CA THR A 653 -14.00 14.37 -13.52
C THR A 653 -14.69 13.15 -14.10
N THR A 654 -14.07 11.99 -13.96
CA THR A 654 -14.57 10.82 -14.65
C THR A 654 -15.36 9.88 -13.76
N GLY A 655 -15.22 10.00 -12.43
CA GLY A 655 -15.83 9.06 -11.51
C GLY A 655 -15.25 7.66 -11.51
N SER A 656 -14.15 7.43 -12.25
CA SER A 656 -13.47 6.14 -12.16
C SER A 656 -12.82 5.98 -10.79
N VAL A 657 -12.82 4.73 -10.32
CA VAL A 657 -12.14 4.43 -9.08
C VAL A 657 -10.64 4.62 -9.29
N GLU A 658 -10.01 5.38 -8.41
CA GLU A 658 -8.58 5.61 -8.53
C GLU A 658 -7.80 4.39 -8.10
N SER A 659 -6.56 4.30 -8.59
CA SER A 659 -5.70 3.14 -8.41
C SER A 659 -4.29 3.51 -7.93
N ALA A 660 -4.14 4.68 -7.29
CA ALA A 660 -2.83 5.12 -6.84
C ALA A 660 -2.22 4.20 -5.79
N THR A 661 -3.04 3.41 -5.10
CA THR A 661 -2.50 2.47 -4.11
C THR A 661 -1.93 1.22 -4.78
N CYS A 662 -2.35 0.93 -6.01
CA CYS A 662 -2.11 -0.30 -6.77
C CYS A 662 -3.42 -0.75 -7.37
N CYS A 663 -4.51 -0.47 -6.64
CA CYS A 663 -5.70 -1.31 -6.77
C CYS A 663 -6.97 -0.47 -6.83
N SER A 664 -7.91 -0.66 -5.90
CA SER A 664 -9.15 0.11 -5.85
C SER A 664 -9.12 1.02 -4.64
N ASP A 665 -8.72 2.28 -4.85
CA ASP A 665 -8.49 3.18 -3.73
C ASP A 665 -9.78 3.40 -2.95
N SER A 666 -9.67 3.36 -1.64
CA SER A 666 -10.81 3.55 -0.75
C SER A 666 -10.88 5.01 -0.28
N ALA A 667 -11.96 5.32 0.43
CA ALA A 667 -12.28 6.70 0.81
C ALA A 667 -12.44 6.80 2.32
N PRO A 668 -11.34 6.71 3.08
CA PRO A 668 -11.46 6.89 4.53
C PRO A 668 -11.83 8.31 4.93
N GLU A 669 -11.81 9.28 4.01
CA GLU A 669 -12.37 10.59 4.32
C GLU A 669 -13.90 10.54 4.44
N HIS A 670 -14.54 9.51 3.91
CA HIS A 670 -16.00 9.39 4.00
C HIS A 670 -16.41 8.74 5.32
N ARG A 671 -17.48 9.27 5.91
CA ARG A 671 -17.76 9.03 7.33
C ARG A 671 -18.10 7.57 7.64
N MET A 672 -18.87 6.91 6.79
CA MET A 672 -19.23 5.53 7.10
C MET A 672 -18.08 4.55 6.82
N PHE A 673 -17.13 4.90 5.95
CA PHE A 673 -15.93 4.06 5.86
C PHE A 673 -15.00 4.29 7.04
N ALA A 674 -14.85 5.53 7.49
CA ALA A 674 -14.16 5.78 8.76
C ALA A 674 -14.76 4.94 9.88
N LYS A 675 -16.09 4.84 9.94
CA LYS A 675 -16.72 4.03 10.99
C LYS A 675 -16.44 2.54 10.78
N LEU A 676 -16.50 2.08 9.53
CA LEU A 676 -16.16 0.69 9.26
C LEU A 676 -14.74 0.39 9.73
N ILE A 677 -13.79 1.26 9.35
CA ILE A 677 -12.41 1.08 9.79
C ILE A 677 -12.33 0.98 11.30
N ALA A 678 -12.94 1.92 12.00
CA ALA A 678 -12.84 1.94 13.46
C ALA A 678 -13.53 0.74 14.09
N ASP A 679 -14.75 0.42 13.65
CA ASP A 679 -15.42 -0.80 14.13
C ASP A 679 -14.58 -2.05 13.85
N SER A 680 -13.97 -2.12 12.67
CA SER A 680 -13.11 -3.27 12.34
C SER A 680 -11.96 -3.39 13.34
N LEU A 681 -11.27 -2.28 13.61
CA LEU A 681 -10.13 -2.33 14.52
C LEU A 681 -10.57 -2.72 15.92
N ALA A 682 -11.79 -2.35 16.29
CA ALA A 682 -12.31 -2.69 17.61
C ALA A 682 -12.45 -4.20 17.78
N VAL A 683 -12.85 -4.90 16.72
CA VAL A 683 -12.94 -6.36 16.80
C VAL A 683 -11.55 -6.98 16.94
N TRP A 684 -10.60 -6.58 16.08
CA TRP A 684 -9.25 -7.11 16.22
C TRP A 684 -8.68 -6.81 17.59
N THR A 685 -8.94 -5.61 18.11
CA THR A 685 -8.45 -5.24 19.44
C THR A 685 -9.10 -6.08 20.54
N THR A 686 -10.42 -6.03 20.63
CA THR A 686 -11.14 -6.67 21.73
C THR A 686 -11.22 -8.19 21.55
N ASP A 687 -11.65 -8.66 20.37
CA ASP A 687 -11.95 -10.08 20.21
C ASP A 687 -10.74 -10.92 19.83
N TYR A 688 -9.71 -10.31 19.22
CA TYR A 688 -8.50 -11.04 18.88
C TYR A 688 -7.28 -10.59 19.68
N LYS A 689 -7.40 -9.56 20.52
CA LYS A 689 -6.36 -9.18 21.46
C LYS A 689 -5.06 -8.78 20.75
N ILE A 690 -5.21 -7.96 19.71
CA ILE A 690 -4.09 -7.46 18.93
C ILE A 690 -3.52 -6.22 19.62
N ASP A 691 -2.19 -6.20 19.83
CA ASP A 691 -1.55 -5.15 20.60
C ASP A 691 -1.24 -3.90 19.79
N GLY A 692 -1.23 -3.97 18.47
CA GLY A 692 -1.01 -2.79 17.68
C GLY A 692 -1.24 -3.06 16.22
N PHE A 693 -1.30 -1.97 15.45
CA PHE A 693 -1.70 -2.01 14.05
C PHE A 693 -0.75 -1.20 13.19
N ARG A 694 -0.36 -1.76 12.07
CA ARG A 694 0.50 -1.07 11.11
C ARG A 694 -0.34 -0.81 9.89
N PHE A 695 -0.60 0.46 9.60
CA PHE A 695 -1.44 0.81 8.45
C PHE A 695 -0.58 0.86 7.20
N ASP A 696 -0.94 -0.01 6.25
CA ASP A 696 -0.42 0.06 4.90
C ASP A 696 -0.87 1.37 4.25
N LEU A 697 0.06 2.01 3.55
CA LEU A 697 -0.18 3.28 2.88
C LEU A 697 -1.06 4.23 3.71
N MET A 698 -0.63 4.45 4.96
CA MET A 698 -1.37 5.31 5.89
C MET A 698 -1.52 6.74 5.37
N LEU A 699 -0.59 7.18 4.54
CA LEU A 699 -0.65 8.51 3.92
C LEU A 699 -1.89 8.69 3.05
N TYR A 700 -2.54 7.62 2.63
CA TYR A 700 -3.77 7.77 1.86
C TYR A 700 -4.99 8.06 2.72
N HIS A 701 -4.85 8.03 4.08
CA HIS A 701 -5.87 8.30 5.10
C HIS A 701 -5.75 9.74 5.59
N PRO A 702 -6.86 10.35 5.99
CA PRO A 702 -6.77 11.66 6.64
C PRO A 702 -6.18 11.52 8.02
N LYS A 703 -5.26 12.44 8.34
CA LYS A 703 -4.73 12.49 9.70
C LYS A 703 -5.85 12.47 10.74
N ALA A 704 -6.92 13.24 10.52
CA ALA A 704 -8.03 13.28 11.48
C ALA A 704 -8.71 11.92 11.63
N GLN A 705 -8.88 11.20 10.52
CA GLN A 705 -9.48 9.88 10.55
C GLN A 705 -8.61 8.90 11.35
N ILE A 706 -7.30 8.88 11.07
CA ILE A 706 -6.40 8.03 11.83
C ILE A 706 -6.45 8.37 13.33
N LEU A 707 -6.37 9.66 13.67
CA LEU A 707 -6.43 10.04 15.09
C LEU A 707 -7.78 9.70 15.70
N SER A 708 -8.87 9.94 14.96
CA SER A 708 -10.20 9.51 15.40
C SER A 708 -10.21 8.02 15.71
N ALA A 709 -9.89 7.18 14.72
CA ALA A 709 -9.76 5.75 14.93
C ALA A 709 -8.95 5.43 16.17
N TRP A 710 -7.84 6.15 16.39
CA TRP A 710 -6.97 5.83 17.52
C TRP A 710 -7.62 6.15 18.85
N GLU A 711 -8.27 7.31 18.96
CA GLU A 711 -8.99 7.62 20.19
C GLU A 711 -10.10 6.59 20.44
N ARG A 712 -10.77 6.16 19.39
N ARG A 712 -10.78 6.14 19.39
CA ARG A 712 -11.77 5.11 19.51
CA ARG A 712 -11.78 5.09 19.56
C ARG A 712 -11.17 3.84 20.10
C ARG A 712 -11.15 3.83 20.14
N ILE A 713 -9.98 3.43 19.63
CA ILE A 713 -9.37 2.18 20.08
C ILE A 713 -8.78 2.34 21.48
N LYS A 714 -8.22 3.51 21.81
CA LYS A 714 -7.65 3.67 23.15
C LYS A 714 -8.73 3.62 24.24
N ALA A 715 -9.96 4.03 23.93
CA ALA A 715 -11.07 3.83 24.88
C ALA A 715 -11.31 2.36 25.18
N LEU A 716 -10.95 1.47 24.23
CA LEU A 716 -11.03 0.04 24.50
C LEU A 716 -9.81 -0.45 25.26
N ASN A 717 -8.62 -0.06 24.78
CA ASN A 717 -7.34 -0.44 25.38
C ASN A 717 -6.40 0.74 25.20
N PRO A 718 -6.03 1.42 26.29
CA PRO A 718 -5.26 2.66 26.15
C PRO A 718 -3.87 2.43 25.58
N ASP A 719 -3.33 1.23 25.69
CA ASP A 719 -1.94 0.92 25.33
C ASP A 719 -1.78 0.44 23.88
N ILE A 720 -2.83 0.51 23.05
CA ILE A 720 -2.73 0.08 21.66
C ILE A 720 -1.89 1.08 20.87
N TYR A 721 -0.98 0.57 20.06
CA TYR A 721 -0.04 1.40 19.32
C TYR A 721 -0.40 1.37 17.84
N PHE A 722 -0.49 2.56 17.24
CA PHE A 722 -0.74 2.76 15.83
C PHE A 722 0.54 3.24 15.15
N PHE A 723 0.86 2.68 14.00
CA PHE A 723 1.89 3.25 13.13
C PHE A 723 1.59 2.84 11.69
N GLY A 724 2.31 3.45 10.75
CA GLY A 724 2.11 3.12 9.35
C GLY A 724 3.24 3.65 8.50
N GLU A 725 3.09 3.48 7.18
N GLU A 725 3.09 3.48 7.19
CA GLU A 725 4.04 4.00 6.20
CA GLU A 725 4.09 3.94 6.22
C GLU A 725 3.46 5.30 5.66
C GLU A 725 3.51 5.14 5.50
N GLY A 726 4.05 6.43 6.04
N GLY A 726 3.92 6.34 5.93
CA GLY A 726 3.47 7.73 5.77
CA GLY A 726 3.40 7.58 5.37
C GLY A 726 4.23 8.61 4.78
C GLY A 726 4.35 8.23 4.40
N TRP A 727 4.24 8.21 3.51
N TRP A 727 4.38 7.71 3.16
CA TRP A 727 4.89 8.98 2.45
CA TRP A 727 5.32 8.14 2.13
C TRP A 727 4.01 10.11 1.95
C TRP A 727 4.84 9.36 1.34
N ASP A 728 4.08 10.38 0.63
N ASP A 728 4.08 10.25 1.98
CA ASP A 728 3.22 11.34 -0.05
CA ASP A 728 3.52 11.46 1.38
C ASP A 728 2.32 10.59 -1.01
C ASP A 728 2.75 11.16 0.08
N SER A 729 1.03 10.54 -0.69
N SER A 729 1.43 11.07 0.19
CA SER A 729 0.00 9.85 -1.46
CA SER A 729 0.61 10.78 -0.97
C SER A 729 -0.51 10.70 -2.61
C SER A 729 0.35 12.05 -1.76
N ASN A 730 -0.16 11.99 -2.63
N ASN A 730 -0.35 11.90 -2.87
CA ASN A 730 -0.71 12.97 -3.54
CA ASN A 730 -0.83 13.02 -3.68
C ASN A 730 -2.20 13.24 -3.26
C ASN A 730 -2.12 13.63 -3.14
N GLN A 731 -2.60 13.17 -1.99
CA GLN A 731 -3.97 13.46 -1.57
C GLN A 731 -4.11 14.72 -0.73
N SER A 732 -3.03 15.48 -0.52
N SER A 732 -3.03 15.49 -0.53
CA SER A 732 -3.08 16.65 0.36
CA SER A 732 -3.08 16.64 0.36
C SER A 732 -4.04 17.73 -0.15
C SER A 732 -4.03 17.72 -0.15
N ASP A 733 -4.39 17.70 -1.44
CA ASP A 733 -5.38 18.64 -1.94
C ASP A 733 -6.79 18.32 -1.45
N ARG A 734 -7.06 17.06 -1.06
CA ARG A 734 -8.38 16.66 -0.55
C ARG A 734 -8.49 16.79 0.96
N PHE A 735 -7.40 16.61 1.69
CA PHE A 735 -7.41 16.64 3.14
C PHE A 735 -5.97 16.62 3.63
N GLU A 736 -5.81 16.82 4.93
CA GLU A 736 -4.49 16.75 5.55
C GLU A 736 -4.12 15.27 5.72
N ILE A 737 -3.17 14.80 4.91
CA ILE A 737 -2.84 13.38 4.92
C ILE A 737 -2.12 13.00 6.21
N ALA A 738 -2.13 11.70 6.50
CA ALA A 738 -1.47 11.14 7.68
C ALA A 738 -0.03 10.78 7.31
N SER A 739 0.82 11.80 7.21
CA SER A 739 2.18 11.66 6.70
C SER A 739 3.18 11.85 7.84
N GLN A 740 4.44 11.48 7.57
CA GLN A 740 5.51 11.67 8.55
C GLN A 740 5.52 13.09 9.12
N ILE A 741 5.43 14.08 8.22
CA ILE A 741 5.45 15.48 8.61
C ILE A 741 4.25 15.82 9.50
N ASN A 742 3.03 15.51 9.03
CA ASN A 742 1.82 15.95 9.70
C ASN A 742 1.56 15.22 11.01
N LEU A 743 2.12 14.03 11.20
CA LEU A 743 1.85 13.28 12.42
C LEU A 743 2.79 13.64 13.53
N LYS A 744 3.64 14.65 13.34
CA LYS A 744 4.53 15.08 14.40
C LYS A 744 3.75 15.51 15.62
N GLY A 745 4.14 14.96 16.78
CA GLY A 745 3.47 15.23 18.02
C GLY A 745 2.30 14.34 18.33
N THR A 746 1.71 13.70 17.33
CA THR A 746 0.47 12.96 17.53
C THR A 746 0.67 11.63 18.27
N GLY A 747 1.89 11.11 18.36
CA GLY A 747 2.09 9.77 18.87
C GLY A 747 1.78 8.66 17.89
N ILE A 748 1.36 8.97 16.66
CA ILE A 748 1.20 7.96 15.62
C ILE A 748 2.56 7.71 14.97
N GLY A 749 3.03 6.45 15.01
CA GLY A 749 4.34 6.13 14.46
C GLY A 749 4.35 6.10 12.95
N THR A 750 5.54 6.31 12.37
CA THR A 750 5.73 6.12 10.93
C THR A 750 7.08 5.46 10.67
N PHE A 751 7.12 4.59 9.66
CA PHE A 751 8.40 4.09 9.16
C PHE A 751 9.24 5.25 8.67
N SER A 752 10.47 5.32 9.18
CA SER A 752 11.42 6.30 8.70
C SER A 752 12.28 5.67 7.61
N ASP A 753 12.25 6.25 6.42
CA ASP A 753 13.12 5.86 5.33
C ASP A 753 14.48 6.58 5.34
N ARG A 754 14.79 7.37 6.38
CA ARG A 754 16.04 8.14 6.42
C ARG A 754 17.24 7.23 6.75
N LEU A 755 17.29 6.71 7.98
CA LEU A 755 18.37 5.79 8.35
C LEU A 755 18.43 4.57 7.42
N ARG A 756 17.27 3.99 7.11
CA ARG A 756 17.12 2.91 6.14
C ARG A 756 17.98 3.09 4.89
N ASP A 757 17.77 4.21 4.17
CA ASP A 757 18.50 4.44 2.93
C ASP A 757 19.98 4.74 3.18
N ALA A 758 20.28 5.46 4.26
CA ALA A 758 21.67 5.78 4.60
C ALA A 758 22.50 4.52 4.85
N VAL A 759 21.92 3.54 5.54
CA VAL A 759 22.65 2.34 5.95
C VAL A 759 22.63 1.29 4.85
N ARG A 760 21.49 1.12 4.17
CA ARG A 760 21.42 0.17 3.05
C ARG A 760 22.19 0.66 1.84
N GLY A 761 22.16 1.97 1.59
CA GLY A 761 22.63 2.51 0.33
C GLY A 761 21.52 2.72 -0.67
N GLY A 762 21.55 3.84 -1.41
CA GLY A 762 20.63 4.07 -2.50
C GLY A 762 19.18 4.27 -2.07
N GLY A 763 18.27 3.78 -2.89
CA GLY A 763 16.85 3.88 -2.63
C GLY A 763 16.11 2.77 -3.35
N PRO A 764 14.85 2.57 -2.99
CA PRO A 764 14.10 1.39 -3.51
C PRO A 764 13.86 1.40 -5.02
N PHE A 765 14.03 2.52 -5.70
CA PHE A 765 13.84 2.55 -7.14
C PHE A 765 15.13 2.44 -7.95
N ASP A 766 16.29 2.28 -7.29
CA ASP A 766 17.54 2.01 -8.01
C ASP A 766 17.41 0.78 -8.91
N SER A 767 18.09 0.82 -10.04
N SER A 767 18.09 0.82 -10.04
CA SER A 767 18.15 -0.34 -10.93
CA SER A 767 18.15 -0.32 -10.95
C SER A 767 19.51 -0.36 -11.63
C SER A 767 19.50 -0.35 -11.64
N GLY A 768 19.87 -1.54 -12.14
CA GLY A 768 21.08 -1.68 -12.91
C GLY A 768 22.33 -1.43 -12.07
N ASP A 769 23.28 -0.71 -12.68
CA ASP A 769 24.55 -0.43 -11.99
C ASP A 769 24.34 0.39 -10.73
N ALA A 770 23.31 1.24 -10.68
CA ALA A 770 23.09 2.05 -9.49
C ALA A 770 22.89 1.20 -8.24
N LEU A 771 22.35 -0.01 -8.42
CA LEU A 771 22.20 -0.91 -7.27
C LEU A 771 23.54 -1.18 -6.61
N ARG A 772 24.63 -1.27 -7.39
CA ARG A 772 25.97 -1.50 -6.85
C ARG A 772 26.69 -0.22 -6.46
N GLN A 773 26.55 0.84 -7.26
CA GLN A 773 27.29 2.07 -7.01
C GLN A 773 26.88 2.72 -5.70
N ASN A 774 25.59 2.64 -5.35
CA ASN A 774 25.02 3.37 -4.22
C ASN A 774 25.20 2.56 -2.94
N GLN A 775 26.45 2.51 -2.48
CA GLN A 775 26.79 1.86 -1.22
C GLN A 775 26.23 2.65 -0.05
N GLY A 776 25.96 1.95 1.04
CA GLY A 776 25.53 2.59 2.27
C GLY A 776 26.60 2.52 3.37
N VAL A 777 26.24 3.08 4.52
CA VAL A 777 27.12 2.99 5.67
C VAL A 777 27.39 1.53 6.03
N GLY A 778 26.36 0.69 5.96
CA GLY A 778 26.54 -0.71 6.30
C GLY A 778 27.43 -1.48 5.33
N SER A 779 27.54 -1.01 4.08
CA SER A 779 28.32 -1.70 3.06
C SER A 779 29.57 -0.91 2.66
N GLY A 780 29.97 0.08 3.47
CA GLY A 780 31.26 0.70 3.33
C GLY A 780 31.36 1.87 2.38
N ALA A 781 30.30 2.67 2.23
CA ALA A 781 30.34 3.88 1.44
C ALA A 781 31.52 4.74 1.87
N GLY A 782 32.36 5.10 0.91
CA GLY A 782 33.46 6.00 1.18
C GLY A 782 34.66 5.41 1.90
N VAL A 783 34.60 4.16 2.39
CA VAL A 783 35.75 3.61 3.12
C VAL A 783 36.18 2.28 2.53
N LEU A 784 35.26 1.56 1.89
CA LEU A 784 35.59 0.32 1.17
C LEU A 784 34.83 0.33 -0.16
N PRO A 785 35.23 1.20 -1.07
CA PRO A 785 34.48 1.36 -2.32
C PRO A 785 34.58 0.13 -3.21
N ASN A 786 33.52 -0.11 -3.97
CA ASN A 786 33.57 -1.15 -4.98
C ASN A 786 34.08 -0.55 -6.28
N GLU A 787 34.18 -1.39 -7.33
CA GLU A 787 34.81 -0.97 -8.57
C GLU A 787 33.96 -0.01 -9.39
N LEU A 788 32.69 0.24 -9.01
CA LEU A 788 31.82 1.11 -9.79
C LEU A 788 31.48 2.42 -9.13
N THR A 789 31.53 2.51 -7.80
CA THR A 789 30.94 3.66 -7.12
C THR A 789 31.77 4.92 -7.33
N THR A 790 31.08 6.07 -7.27
CA THR A 790 31.70 7.40 -7.25
C THR A 790 31.36 8.17 -5.99
N LEU A 791 30.88 7.50 -4.95
CA LEU A 791 30.53 8.19 -3.73
C LEU A 791 31.70 9.00 -3.19
N SER A 792 31.48 10.28 -3.00
CA SER A 792 32.50 11.13 -2.42
C SER A 792 32.51 11.02 -0.89
N ASP A 793 33.58 11.53 -0.28
CA ASP A 793 33.64 11.57 1.19
C ASP A 793 32.49 12.38 1.75
N ASP A 794 32.20 13.54 1.15
CA ASP A 794 31.07 14.36 1.55
C ASP A 794 29.78 13.57 1.50
N GLN A 795 29.55 12.84 0.40
CA GLN A 795 28.37 11.98 0.28
C GLN A 795 28.33 10.93 1.40
N ALA A 796 29.48 10.32 1.72
CA ALA A 796 29.49 9.32 2.78
C ALA A 796 29.20 9.94 4.15
N ARG A 797 29.77 11.12 4.42
CA ARG A 797 29.49 11.80 5.68
C ARG A 797 28.02 12.23 5.77
N HIS A 798 27.39 12.55 4.65
CA HIS A 798 25.97 12.87 4.63
C HIS A 798 25.13 11.66 5.04
N LEU A 799 25.50 10.47 4.55
CA LEU A 799 24.81 9.27 5.01
C LEU A 799 24.99 9.05 6.51
N ALA A 800 26.18 9.34 7.03
CA ALA A 800 26.41 9.21 8.48
C ALA A 800 25.58 10.22 9.28
N ASP A 801 25.36 11.43 8.74
CA ASP A 801 24.44 12.36 9.38
C ASP A 801 23.05 11.75 9.49
N LEU A 802 22.52 11.23 8.38
CA LEU A 802 21.19 10.61 8.42
C LEU A 802 21.15 9.47 9.44
N THR A 803 22.22 8.66 9.50
CA THR A 803 22.26 7.53 10.41
C THR A 803 22.29 7.98 11.87
N ARG A 804 23.22 8.88 12.20
CA ARG A 804 23.25 9.42 13.56
C ARG A 804 21.90 9.99 13.95
N LEU A 805 21.32 10.82 13.06
CA LEU A 805 20.02 11.42 13.33
C LEU A 805 18.97 10.35 13.63
N GLY A 806 19.00 9.25 12.86
CA GLY A 806 18.05 8.17 13.10
C GLY A 806 18.31 7.42 14.39
N MET A 807 19.58 7.28 14.78
CA MET A 807 19.88 6.60 16.03
C MET A 807 19.45 7.41 17.24
N ALA A 808 19.33 8.73 17.09
CA ALA A 808 18.75 9.58 18.13
C ALA A 808 17.25 9.79 17.93
N GLY A 809 16.60 8.95 17.12
CA GLY A 809 15.15 8.97 16.99
C GLY A 809 14.60 9.81 15.88
N ASN A 810 15.45 10.33 14.99
CA ASN A 810 15.03 11.12 13.83
C ASN A 810 14.10 12.28 14.22
N LEU A 811 14.47 12.98 15.29
CA LEU A 811 13.70 14.12 15.79
C LEU A 811 13.95 15.38 14.96
N ALA A 812 12.89 16.17 14.75
CA ALA A 812 13.03 17.39 13.97
C ALA A 812 13.99 18.38 14.63
N ASP A 813 14.06 18.37 15.96
CA ASP A 813 14.75 19.40 16.72
C ASP A 813 16.01 18.90 17.41
N PHE A 814 16.35 17.61 17.28
CA PHE A 814 17.64 17.15 17.79
C PHE A 814 18.74 17.93 17.08
N VAL A 815 19.79 18.27 17.84
CA VAL A 815 20.87 19.15 17.36
C VAL A 815 22.15 18.33 17.27
N LEU A 816 22.75 18.31 16.08
CA LEU A 816 24.01 17.60 15.90
C LEU A 816 24.97 18.41 15.04
N ILE A 817 26.21 17.95 15.00
CA ILE A 817 27.23 18.50 14.10
C ILE A 817 27.17 17.69 12.81
N ASP A 818 27.02 18.37 11.67
CA ASP A 818 26.84 17.70 10.40
C ASP A 818 28.19 17.44 9.70
N LYS A 819 28.11 16.92 8.48
CA LYS A 819 29.26 16.54 7.67
C LYS A 819 30.26 17.67 7.45
N ASP A 820 29.84 18.93 7.53
CA ASP A 820 30.73 20.06 7.32
C ASP A 820 31.17 20.70 8.63
N GLY A 821 30.93 20.06 9.77
CA GLY A 821 31.19 20.70 11.05
C GLY A 821 30.20 21.75 11.46
N ALA A 822 29.08 21.89 10.73
CA ALA A 822 28.07 22.90 11.00
C ALA A 822 27.00 22.38 11.95
N VAL A 823 26.50 23.27 12.83
CA VAL A 823 25.39 22.93 13.70
C VAL A 823 24.10 22.86 12.90
N LYS A 824 23.34 21.77 13.08
CA LYS A 824 22.11 21.57 12.35
C LYS A 824 21.08 20.94 13.27
N ARG A 825 19.83 21.34 13.07
CA ARG A 825 18.70 20.61 13.63
C ARG A 825 18.39 19.43 12.74
N GLY A 826 17.83 18.38 13.35
CA GLY A 826 17.41 17.22 12.58
C GLY A 826 16.64 17.58 11.33
N SER A 827 15.71 18.54 11.43
CA SER A 827 14.95 18.97 10.27
C SER A 827 15.81 19.65 9.21
N GLU A 828 17.02 20.07 9.56
CA GLU A 828 17.89 20.75 8.60
C GLU A 828 18.79 19.79 7.83
N ILE A 829 18.93 18.55 8.28
CA ILE A 829 19.62 17.56 7.48
C ILE A 829 18.72 17.20 6.31
N ASP A 830 19.24 17.32 5.09
CA ASP A 830 18.43 17.06 3.91
C ASP A 830 18.24 15.56 3.72
N TYR A 831 17.06 15.18 3.24
CA TYR A 831 16.80 13.80 2.82
C TYR A 831 16.03 13.88 1.52
N ASN A 832 16.75 13.76 0.41
CA ASN A 832 16.17 13.85 -0.93
C ASN A 832 15.30 15.11 -1.09
N GLY A 833 15.66 16.18 -0.37
CA GLY A 833 14.98 17.44 -0.45
C GLY A 833 14.09 17.74 0.73
N ALA A 834 13.54 16.71 1.36
CA ALA A 834 12.67 16.92 2.51
C ALA A 834 13.53 17.18 3.73
N PRO A 835 12.95 17.81 4.76
CA PRO A 835 13.59 17.77 6.07
C PRO A 835 13.82 16.33 6.48
N GLY A 836 15.06 16.04 6.88
CA GLY A 836 15.41 14.70 7.32
C GLY A 836 14.67 14.29 8.58
N GLY A 837 15.00 14.94 9.70
CA GLY A 837 14.29 14.66 10.94
C GLY A 837 12.92 15.32 10.94
N TYR A 838 11.92 14.60 11.47
CA TYR A 838 10.54 15.05 11.38
C TYR A 838 9.69 14.77 12.60
N ALA A 839 10.19 14.02 13.58
CA ALA A 839 9.37 13.58 14.71
C ALA A 839 9.57 14.48 15.92
N ALA A 840 8.61 14.36 16.86
CA ALA A 840 8.70 14.97 18.17
C ALA A 840 9.24 14.02 19.22
N ASP A 841 8.97 12.74 19.07
CA ASP A 841 9.42 11.74 20.03
C ASP A 841 9.95 10.55 19.25
N PRO A 842 10.93 9.83 19.77
CA PRO A 842 11.46 8.69 19.03
C PRO A 842 10.46 7.58 18.85
N THR A 843 9.44 7.49 19.72
CA THR A 843 8.38 6.50 19.59
C THR A 843 7.52 6.74 18.35
N GLU A 844 7.61 7.92 17.74
CA GLU A 844 6.96 8.21 16.48
C GLU A 844 7.78 7.77 15.28
N VAL A 845 8.92 7.11 15.50
CA VAL A 845 9.82 6.75 14.41
C VAL A 845 10.09 5.26 14.47
N VAL A 846 9.87 4.57 13.36
CA VAL A 846 10.20 3.15 13.25
C VAL A 846 11.42 3.06 12.33
N ASN A 847 12.58 2.73 12.90
CA ASN A 847 13.80 2.50 12.11
C ASN A 847 13.87 1.05 11.65
N TYR A 848 14.45 0.85 10.45
CA TYR A 848 14.68 -0.48 9.91
C TYR A 848 15.70 -0.41 8.77
N VAL A 849 16.37 -1.53 8.51
CA VAL A 849 17.21 -1.70 7.33
C VAL A 849 16.75 -2.86 6.45
N SER A 850 15.59 -3.46 6.76
CA SER A 850 15.04 -4.51 5.93
C SER A 850 13.57 -4.71 6.28
N LYS A 851 12.78 -5.11 5.28
CA LYS A 851 11.33 -5.22 5.37
C LYS A 851 10.87 -6.18 4.29
N HIS A 852 9.58 -6.55 4.32
CA HIS A 852 9.07 -7.49 3.33
C HIS A 852 9.21 -6.94 1.92
N ASP A 853 8.99 -5.64 1.73
CA ASP A 853 9.07 -5.05 0.40
C ASP A 853 10.47 -4.49 0.16
N ASN A 854 10.89 -4.49 -1.12
CA ASN A 854 12.25 -4.17 -1.58
C ASN A 854 13.22 -5.28 -1.17
N GLN A 855 14.48 -5.18 -1.60
CA GLN A 855 15.43 -6.27 -1.43
C GLN A 855 15.77 -6.47 0.04
N THR A 856 16.04 -7.72 0.41
CA THR A 856 16.54 -7.98 1.75
C THR A 856 17.88 -7.28 1.95
N LEU A 857 18.23 -7.07 3.22
CA LEU A 857 19.50 -6.43 3.55
C LEU A 857 20.68 -7.21 2.99
N TRP A 858 20.64 -8.56 3.09
CA TRP A 858 21.76 -9.35 2.59
C TRP A 858 21.92 -9.18 1.09
N ASP A 859 20.81 -9.14 0.36
CA ASP A 859 20.89 -8.95 -1.10
C ASP A 859 21.41 -7.56 -1.45
N MET A 860 21.04 -6.54 -0.65
CA MET A 860 21.65 -5.22 -0.83
C MET A 860 23.16 -5.26 -0.58
N ILE A 861 23.58 -5.92 0.49
CA ILE A 861 25.01 -6.01 0.78
C ILE A 861 25.72 -6.75 -0.36
N SER A 862 25.07 -7.77 -0.92
CA SER A 862 25.66 -8.52 -2.02
C SER A 862 25.78 -7.65 -3.27
N TYR A 863 24.76 -6.87 -3.57
CA TYR A 863 24.84 -5.91 -4.68
C TYR A 863 26.02 -4.95 -4.48
N LYS A 864 26.26 -4.53 -3.25
CA LYS A 864 27.07 -3.34 -3.00
C LYS A 864 28.46 -3.61 -2.43
N ALA A 865 28.70 -4.77 -1.85
CA ALA A 865 29.98 -5.01 -1.17
C ALA A 865 31.12 -5.05 -2.17
N ALA A 866 32.25 -4.45 -1.80
CA ALA A 866 33.45 -4.55 -2.64
C ALA A 866 33.85 -6.02 -2.79
N GLN A 867 34.46 -6.33 -3.94
CA GLN A 867 34.88 -7.71 -4.19
C GLN A 867 35.82 -8.24 -3.13
N GLU A 868 36.63 -7.36 -2.52
CA GLU A 868 37.58 -7.78 -1.49
C GLU A 868 36.92 -8.06 -0.13
N ALA A 869 35.65 -7.69 0.07
CA ALA A 869 34.96 -8.03 1.32
C ALA A 869 34.61 -9.52 1.27
N ASP A 870 35.24 -10.31 2.14
CA ASP A 870 35.02 -11.74 2.14
C ASP A 870 33.72 -12.06 2.87
N LEU A 871 33.34 -13.35 2.88
CA LEU A 871 32.05 -13.74 3.44
C LEU A 871 31.91 -13.30 4.88
N ASP A 872 32.95 -13.54 5.71
N ASP A 872 32.94 -13.55 5.70
CA ASP A 872 32.85 -13.17 7.11
CA ASP A 872 32.89 -13.17 7.11
C ASP A 872 32.66 -11.67 7.27
C ASP A 872 32.67 -11.67 7.27
N THR A 873 33.29 -10.88 6.39
CA THR A 873 33.14 -9.43 6.48
C THR A 873 31.72 -8.99 6.13
N ARG A 874 31.08 -9.65 5.14
CA ARG A 874 29.71 -9.34 4.78
C ARG A 874 28.74 -9.69 5.89
N VAL A 875 28.98 -10.80 6.60
CA VAL A 875 28.18 -11.10 7.78
C VAL A 875 28.30 -9.96 8.80
N ARG A 876 29.50 -9.43 9.01
CA ARG A 876 29.66 -8.30 9.91
C ARG A 876 29.02 -7.02 9.36
N MET A 877 29.02 -6.84 8.04
CA MET A 877 28.28 -5.72 7.46
C MET A 877 26.78 -5.83 7.78
N GLN A 878 26.23 -7.04 7.69
CA GLN A 878 24.83 -7.23 8.04
C GLN A 878 24.57 -6.82 9.50
N ALA A 879 25.41 -7.30 10.42
CA ALA A 879 25.19 -6.99 11.83
C ALA A 879 25.45 -5.51 12.13
N VAL A 880 26.46 -4.92 11.49
CA VAL A 880 26.72 -3.49 11.63
C VAL A 880 25.50 -2.69 11.16
N SER A 881 24.94 -3.07 10.01
CA SER A 881 23.73 -2.42 9.53
C SER A 881 22.61 -2.49 10.56
N LEU A 882 22.37 -3.69 11.08
CA LEU A 882 21.28 -3.88 12.03
C LEU A 882 21.56 -3.20 13.37
N ALA A 883 22.85 -3.00 13.70
CA ALA A 883 23.18 -2.33 14.95
C ALA A 883 22.69 -0.91 14.97
N THR A 884 22.67 -0.24 13.79
CA THR A 884 22.22 1.15 13.77
C THR A 884 20.77 1.24 14.19
N VAL A 885 19.99 0.20 13.87
CA VAL A 885 18.58 0.13 14.23
C VAL A 885 18.41 -0.31 15.68
N MET A 886 19.06 -1.43 16.02
CA MET A 886 18.83 -2.08 17.31
C MET A 886 19.36 -1.26 18.48
N LEU A 887 20.38 -0.42 18.28
CA LEU A 887 20.96 0.41 19.34
C LEU A 887 20.52 1.86 19.25
N GLY A 888 19.54 2.16 18.39
CA GLY A 888 19.04 3.50 18.24
C GLY A 888 17.78 3.75 19.07
N GLN A 889 17.42 5.04 19.19
CA GLN A 889 16.32 5.44 20.06
C GLN A 889 14.97 5.17 19.42
N GLY A 890 14.90 5.18 18.09
CA GLY A 890 13.64 4.86 17.43
C GLY A 890 13.22 3.44 17.73
N ILE A 891 11.90 3.22 17.59
CA ILE A 891 11.39 1.84 17.60
C ILE A 891 12.12 1.02 16.55
N ALA A 892 12.54 -0.18 16.94
CA ALA A 892 13.32 -1.08 16.11
C ALA A 892 12.42 -2.04 15.34
N PHE A 893 12.62 -2.16 14.03
CA PHE A 893 11.80 -3.00 13.19
C PHE A 893 12.70 -3.79 12.25
N ASP A 894 12.41 -5.09 12.08
CA ASP A 894 13.24 -5.89 11.19
C ASP A 894 12.42 -6.97 10.49
N GLN A 895 12.90 -7.35 9.32
CA GLN A 895 12.29 -8.42 8.54
C GLN A 895 12.62 -9.77 9.16
N GLN A 896 11.61 -10.64 9.21
CA GLN A 896 11.84 -12.03 9.59
C GLN A 896 13.00 -12.63 8.82
N GLY A 897 13.98 -13.15 9.54
CA GLY A 897 15.09 -13.82 8.89
C GLY A 897 16.35 -13.00 8.66
N SER A 898 16.34 -11.70 8.95
CA SER A 898 17.60 -10.96 8.88
C SER A 898 18.69 -11.61 9.74
N GLU A 899 18.30 -12.21 10.87
CA GLU A 899 19.27 -12.88 11.73
C GLU A 899 19.84 -14.14 11.09
N LEU A 900 19.25 -14.57 9.96
CA LEU A 900 19.71 -15.70 9.16
C LEU A 900 20.18 -15.25 7.79
N LEU A 901 20.61 -13.99 7.66
CA LEU A 901 21.15 -13.45 6.42
C LEU A 901 20.18 -13.62 5.25
N ARG A 902 18.88 -13.54 5.54
CA ARG A 902 17.84 -13.90 4.59
C ARG A 902 18.09 -13.28 3.22
N SER A 903 17.98 -14.11 2.20
CA SER A 903 18.05 -13.72 0.81
C SER A 903 16.76 -14.13 0.11
N LYS A 904 16.41 -13.40 -0.96
CA LYS A 904 15.35 -13.77 -1.89
C LYS A 904 15.91 -13.89 -3.31
N SER A 905 17.18 -14.30 -3.43
CA SER A 905 17.84 -14.47 -4.72
C SER A 905 17.79 -13.20 -5.56
N PHE A 906 17.90 -12.05 -4.88
CA PHE A 906 17.83 -10.68 -5.43
C PHE A 906 16.43 -10.23 -5.84
N THR A 907 15.37 -10.98 -5.52
CA THR A 907 14.01 -10.53 -5.84
C THR A 907 13.72 -9.22 -5.13
N ARG A 908 13.33 -8.19 -5.89
CA ARG A 908 13.03 -6.92 -5.24
C ARG A 908 11.64 -6.91 -4.61
N ASP A 909 10.66 -7.54 -5.26
CA ASP A 909 9.23 -7.42 -4.90
C ASP A 909 8.66 -8.84 -4.92
N SER A 910 8.71 -9.52 -3.78
CA SER A 910 8.45 -10.95 -3.74
C SER A 910 7.01 -11.29 -3.34
N TYR A 911 6.07 -10.33 -3.47
CA TYR A 911 4.71 -10.54 -2.98
C TYR A 911 4.04 -11.78 -3.55
N ASP A 912 4.38 -12.17 -4.77
CA ASP A 912 3.73 -13.33 -5.39
C ASP A 912 4.80 -14.29 -5.92
N SER A 913 5.98 -14.27 -5.30
CA SER A 913 7.11 -15.11 -5.72
C SER A 913 7.16 -16.45 -5.00
N GLY A 914 6.10 -16.80 -4.25
CA GLY A 914 5.94 -18.16 -3.77
C GLY A 914 6.91 -18.59 -2.68
N ASP A 915 6.75 -19.86 -2.27
CA ASP A 915 7.65 -20.46 -1.29
C ASP A 915 9.10 -20.42 -1.74
N TRP A 916 9.35 -20.42 -3.05
CA TRP A 916 10.72 -20.68 -3.49
C TRP A 916 11.64 -19.50 -3.19
N PHE A 917 11.22 -18.29 -3.54
CA PHE A 917 12.06 -17.13 -3.31
C PHE A 917 11.91 -16.52 -1.92
N ASN A 918 10.80 -16.78 -1.23
CA ASN A 918 10.59 -16.26 0.11
C ASN A 918 11.03 -17.24 1.21
N ARG A 919 11.61 -18.38 0.83
CA ARG A 919 12.03 -19.41 1.77
C ARG A 919 12.91 -18.87 2.90
N VAL A 920 12.65 -19.36 4.12
CA VAL A 920 13.47 -19.13 5.30
C VAL A 920 13.74 -20.49 5.93
N ASP A 921 15.00 -20.89 5.96
CA ASP A 921 15.38 -22.26 6.34
C ASP A 921 15.77 -22.27 7.82
N TYR A 922 14.83 -22.66 8.68
CA TYR A 922 15.13 -22.75 10.09
C TYR A 922 15.95 -23.99 10.46
N SER A 923 16.29 -24.84 9.50
CA SER A 923 17.30 -25.87 9.76
C SER A 923 18.71 -25.33 9.53
N LEU A 924 18.84 -24.07 9.09
CA LEU A 924 20.09 -23.33 9.05
C LEU A 924 21.10 -23.90 8.04
N GLN A 925 20.63 -24.42 6.91
CA GLN A 925 21.56 -24.93 5.91
C GLN A 925 22.05 -23.85 4.96
N ASP A 926 21.23 -22.83 4.67
CA ASP A 926 21.63 -21.73 3.79
C ASP A 926 20.60 -20.61 3.94
N ASN A 927 20.89 -19.46 3.33
CA ASN A 927 20.07 -18.24 3.49
C ASN A 927 19.17 -17.96 2.30
N ASN A 928 18.92 -18.96 1.46
CA ASN A 928 18.15 -18.88 0.21
C ASN A 928 18.80 -18.00 -0.87
N TYR A 929 20.09 -17.70 -0.73
CA TYR A 929 20.82 -16.96 -1.75
C TYR A 929 21.15 -17.86 -2.93
N ASN A 930 21.18 -17.29 -4.13
CA ASN A 930 21.57 -18.01 -5.33
C ASN A 930 20.71 -19.27 -5.54
N VAL A 931 19.41 -19.06 -5.62
CA VAL A 931 18.48 -20.14 -5.91
C VAL A 931 17.77 -19.91 -7.23
N GLY A 932 18.29 -18.99 -8.04
CA GLY A 932 17.82 -18.78 -9.40
C GLY A 932 17.68 -17.29 -9.59
N MET A 933 17.76 -16.85 -10.83
CA MET A 933 17.53 -15.46 -11.14
C MET A 933 16.11 -15.06 -10.71
N PRO A 934 15.92 -13.83 -10.18
CA PRO A 934 14.59 -13.39 -9.75
C PRO A 934 13.64 -13.16 -10.94
N ARG A 935 12.37 -12.86 -10.66
CA ARG A 935 11.39 -12.68 -11.73
C ARG A 935 11.79 -11.58 -12.70
N SER A 936 11.79 -11.90 -13.98
CA SER A 936 12.28 -10.97 -15.00
C SER A 936 11.35 -9.78 -15.19
N SER A 937 10.05 -9.96 -14.94
CA SER A 937 9.09 -8.87 -15.12
C SER A 937 9.44 -7.68 -14.24
N ASP A 938 10.05 -7.91 -13.08
CA ASP A 938 10.39 -6.83 -12.18
C ASP A 938 11.89 -6.64 -11.95
N ASP A 939 12.71 -7.65 -12.20
CA ASP A 939 14.17 -7.55 -12.01
C ASP A 939 14.95 -7.86 -13.27
N GLY A 940 14.30 -7.92 -14.44
CA GLY A 940 15.02 -8.25 -15.65
C GLY A 940 16.11 -7.23 -15.98
N SER A 941 15.84 -5.96 -15.69
CA SER A 941 16.81 -4.91 -15.94
C SER A 941 17.94 -4.89 -14.92
N ASN A 942 17.99 -5.91 -14.04
CA ASN A 942 19.04 -6.07 -13.06
C ASN A 942 19.79 -7.39 -13.25
N TYR A 943 19.44 -8.17 -14.27
CA TYR A 943 20.14 -9.43 -14.51
C TYR A 943 21.65 -9.20 -14.73
N ASP A 944 22.00 -8.13 -15.43
CA ASP A 944 23.41 -7.89 -15.76
C ASP A 944 24.24 -7.66 -14.51
N ILE A 945 23.78 -6.75 -13.63
CA ILE A 945 24.53 -6.47 -12.41
C ILE A 945 24.47 -7.67 -11.46
N ILE A 946 23.35 -8.42 -11.47
CA ILE A 946 23.25 -9.60 -10.62
C ILE A 946 24.32 -10.61 -10.99
N ALA A 947 24.41 -10.94 -12.28
CA ALA A 947 25.39 -11.93 -12.72
C ALA A 947 26.82 -11.46 -12.45
N ARG A 948 27.06 -10.16 -12.52
CA ARG A 948 28.38 -9.62 -12.23
C ARG A 948 28.75 -9.74 -10.75
N VAL A 949 27.78 -9.55 -9.84
CA VAL A 949 28.10 -9.54 -8.41
C VAL A 949 27.79 -10.84 -7.70
N LYS A 950 27.00 -11.73 -8.30
CA LYS A 950 26.33 -12.77 -7.52
C LYS A 950 27.31 -13.72 -6.86
N ASP A 951 28.39 -14.07 -7.56
CA ASP A 951 29.25 -15.16 -7.09
C ASP A 951 30.55 -14.67 -6.45
N ALA A 952 30.59 -13.42 -5.99
CA ALA A 952 31.83 -12.88 -5.42
C ALA A 952 32.35 -13.73 -4.26
N VAL A 953 31.46 -14.27 -3.42
CA VAL A 953 31.88 -15.13 -2.31
C VAL A 953 30.95 -16.32 -2.23
N ALA A 954 31.28 -17.24 -1.30
CA ALA A 954 30.45 -18.42 -1.08
C ALA A 954 29.10 -18.05 -0.49
N THR A 955 28.12 -18.91 -0.73
CA THR A 955 26.80 -18.75 -0.13
C THR A 955 26.85 -19.09 1.36
N PRO A 956 26.24 -18.28 2.21
CA PRO A 956 26.27 -18.58 3.65
C PRO A 956 25.73 -19.97 3.97
N GLY A 957 26.40 -20.64 4.91
CA GLY A 957 25.98 -21.94 5.37
C GLY A 957 25.72 -21.91 6.87
N GLU A 958 25.61 -23.09 7.49
CA GLU A 958 25.22 -23.15 8.88
C GLU A 958 26.14 -22.34 9.78
N THR A 959 27.45 -22.33 9.49
CA THR A 959 28.38 -21.60 10.34
C THR A 959 28.08 -20.10 10.31
N GLU A 960 27.80 -19.55 9.14
CA GLU A 960 27.51 -18.13 9.03
C GLU A 960 26.15 -17.79 9.63
N LEU A 961 25.16 -18.66 9.45
CA LEU A 961 23.83 -18.43 10.01
C LEU A 961 23.88 -18.39 11.54
N LYS A 962 24.60 -19.33 12.16
CA LYS A 962 24.68 -19.32 13.62
C LYS A 962 25.39 -18.08 14.12
N GLN A 963 26.45 -17.65 13.42
CA GLN A 963 27.18 -16.46 13.83
C GLN A 963 26.31 -15.22 13.72
N MET A 964 25.55 -15.09 12.62
CA MET A 964 24.65 -13.96 12.48
C MET A 964 23.56 -13.98 13.55
N THR A 965 23.03 -15.16 13.86
CA THR A 965 22.01 -15.23 14.91
C THR A 965 22.59 -14.78 16.23
N ALA A 966 23.81 -15.22 16.56
CA ALA A 966 24.44 -14.77 17.79
C ALA A 966 24.66 -13.27 17.77
N PHE A 967 25.19 -12.72 16.65
CA PHE A 967 25.30 -11.27 16.52
C PHE A 967 23.95 -10.60 16.79
N TYR A 968 22.90 -11.13 16.16
CA TYR A 968 21.57 -10.53 16.24
C TYR A 968 21.05 -10.53 17.68
N GLN A 969 21.17 -11.66 18.36
CA GLN A 969 20.70 -11.74 19.73
C GLN A 969 21.59 -10.93 20.66
N GLU A 970 22.88 -10.82 20.36
CA GLU A 970 23.74 -9.91 21.10
C GLU A 970 23.21 -8.49 21.00
N LEU A 971 22.87 -8.05 19.78
CA LEU A 971 22.33 -6.71 19.56
C LEU A 971 21.01 -6.48 20.29
N THR A 972 20.08 -7.44 20.21
CA THR A 972 18.78 -7.22 20.86
C THR A 972 18.91 -7.26 22.38
N ALA A 973 19.82 -8.07 22.91
CA ALA A 973 20.08 -8.06 24.35
C ALA A 973 20.64 -6.72 24.80
N LEU A 974 21.55 -6.14 24.00
CA LEU A 974 22.08 -4.83 24.32
C LEU A 974 20.97 -3.79 24.37
N ARG A 975 20.04 -3.84 23.41
CA ARG A 975 18.99 -2.85 23.31
C ARG A 975 18.14 -2.79 24.58
N LYS A 976 17.80 -3.95 25.15
CA LYS A 976 17.02 -4.00 26.37
C LYS A 976 17.87 -4.05 27.63
N SER A 977 19.20 -3.93 27.52
CA SER A 977 20.05 -4.01 28.71
C SER A 977 20.02 -2.73 29.53
N SER A 978 19.53 -1.62 28.99
CA SER A 978 19.50 -0.40 29.77
C SER A 978 18.33 0.45 29.34
N PRO A 979 17.70 1.13 30.29
CA PRO A 979 16.70 2.14 29.93
C PRO A 979 17.27 3.23 29.04
N LEU A 980 18.58 3.45 29.07
CA LEU A 980 19.14 4.57 28.30
C LEU A 980 18.95 4.37 26.80
N PHE A 981 18.87 3.12 26.34
CA PHE A 981 18.68 2.90 24.89
C PHE A 981 17.31 3.34 24.41
N THR A 982 16.31 3.40 25.29
CA THR A 982 14.93 3.54 24.86
C THR A 982 14.21 4.60 25.70
N LEU A 983 14.68 5.84 25.58
CA LEU A 983 14.23 6.94 26.44
C LEU A 983 12.80 7.38 26.13
N GLY A 984 12.29 7.05 24.95
CA GLY A 984 10.87 7.26 24.65
C GLY A 984 10.49 8.69 24.35
N ASP A 985 11.01 9.64 25.12
CA ASP A 985 10.57 11.03 25.06
C ASP A 985 11.58 11.90 24.32
N GLY A 986 11.09 12.71 23.38
CA GLY A 986 11.99 13.46 22.50
C GLY A 986 12.84 14.48 23.24
N ALA A 987 12.24 15.21 24.18
CA ALA A 987 13.02 16.18 24.94
C ALA A 987 14.06 15.46 25.79
N THR A 988 13.73 14.27 26.33
CA THR A 988 14.68 13.49 27.10
C THR A 988 15.84 12.99 26.22
N VAL A 989 15.56 12.65 24.96
CA VAL A 989 16.63 12.29 24.04
C VAL A 989 17.55 13.47 23.84
N MET A 990 16.96 14.65 23.54
CA MET A 990 17.73 15.86 23.32
C MET A 990 18.63 16.19 24.50
N LYS A 991 18.21 15.85 25.71
CA LYS A 991 19.00 16.18 26.89
C LYS A 991 20.07 15.14 27.22
N ARG A 992 20.10 13.99 26.53
CA ARG A 992 20.97 12.91 26.97
C ARG A 992 21.81 12.27 25.87
N VAL A 993 21.47 12.45 24.60
CA VAL A 993 22.09 11.73 23.51
C VAL A 993 22.98 12.71 22.75
N ASP A 994 24.21 12.30 22.50
CA ASP A 994 25.16 13.10 21.74
C ASP A 994 26.02 12.16 20.92
N PHE A 995 26.93 12.75 20.14
CA PHE A 995 27.80 12.03 19.24
C PHE A 995 29.20 12.62 19.27
N ARG A 996 30.20 11.75 19.22
CA ARG A 996 31.58 12.11 18.92
C ARG A 996 31.92 11.74 17.47
N ASN A 997 33.14 12.08 17.05
CA ASN A 997 33.62 11.79 15.71
C ASN A 997 32.72 12.40 14.63
N THR A 998 32.50 13.71 14.72
CA THR A 998 31.63 14.42 13.80
C THR A 998 32.42 15.51 13.06
N GLY A 999 31.81 16.06 12.02
CA GLY A 999 32.41 17.15 11.28
C GLY A 999 33.26 16.67 10.13
N ALA A 1000 33.88 17.65 9.44
CA ALA A 1000 34.52 17.42 8.15
C ALA A 1000 35.71 16.47 8.23
N ASP A 1001 36.34 16.36 9.39
CA ASP A 1001 37.50 15.50 9.59
C ASP A 1001 37.19 14.27 10.44
N GLN A 1002 35.94 13.85 10.49
CA GLN A 1002 35.59 12.60 11.17
C GLN A 1002 36.29 11.43 10.48
N GLN A 1003 36.59 10.40 11.26
CA GLN A 1003 36.97 9.12 10.66
C GLN A 1003 35.73 8.53 10.01
N THR A 1004 35.75 8.39 8.68
CA THR A 1004 34.55 8.01 7.96
C THR A 1004 34.05 6.64 8.41
N GLY A 1005 32.75 6.53 8.62
CA GLY A 1005 32.16 5.26 8.95
C GLY A 1005 32.18 4.88 10.42
N LEU A 1006 32.78 5.70 11.28
CA LEU A 1006 32.78 5.43 12.71
C LEU A 1006 31.63 6.19 13.38
N LEU A 1007 30.66 5.46 13.90
CA LEU A 1007 29.52 6.06 14.58
C LEU A 1007 29.75 5.95 16.07
N VAL A 1008 29.82 7.09 16.77
CA VAL A 1008 30.04 7.09 18.22
C VAL A 1008 28.92 7.89 18.87
N MET A 1009 28.04 7.21 19.58
CA MET A 1009 26.92 7.84 20.24
C MET A 1009 27.12 7.72 21.74
N THR A 1010 26.85 8.79 22.47
CA THR A 1010 26.90 8.76 23.92
C THR A 1010 25.51 9.03 24.47
N ILE A 1011 25.17 8.36 25.55
CA ILE A 1011 23.88 8.53 26.21
C ILE A 1011 24.17 8.89 27.66
N ASP A 1012 23.81 10.11 28.06
CA ASP A 1012 24.15 10.63 29.38
C ASP A 1012 23.20 10.11 30.45
N ASP A 1013 23.76 9.52 31.50
CA ASP A 1013 23.04 9.25 32.73
C ASP A 1013 23.69 9.91 33.94
N GLY A 1014 24.24 11.11 33.72
CA GLY A 1014 24.85 11.90 34.77
C GLY A 1014 24.02 13.12 35.14
N MET A 1015 24.52 13.83 36.16
CA MET A 1015 23.72 14.82 36.87
C MET A 1015 23.06 15.83 35.94
N GLN A 1016 23.78 16.32 34.94
CA GLN A 1016 23.17 17.36 34.12
C GLN A 1016 22.03 16.82 33.26
N ALA A 1017 21.99 15.51 33.01
CA ALA A 1017 20.85 14.97 32.27
C ALA A 1017 19.57 15.10 33.07
N GLY A 1018 19.69 15.05 34.40
CA GLY A 1018 18.55 14.92 35.29
C GLY A 1018 18.71 13.66 36.14
N ALA A 1019 17.60 12.94 36.30
CA ALA A 1019 17.59 11.73 37.11
C ALA A 1019 18.47 10.65 36.49
N SER A 1020 19.08 9.84 37.34
CA SER A 1020 19.79 8.65 36.89
C SER A 1020 18.77 7.56 36.56
N LEU A 1021 18.43 7.41 35.27
CA LEU A 1021 17.47 6.42 34.81
C LEU A 1021 18.05 5.01 34.85
N ASP A 1022 19.31 4.88 35.18
CA ASP A 1022 19.96 3.59 35.14
C ASP A 1022 20.88 3.49 36.35
N SER A 1023 20.61 2.53 37.23
CA SER A 1023 21.33 2.50 38.49
C SER A 1023 22.77 2.01 38.33
N ARG A 1024 23.10 1.35 37.22
CA ARG A 1024 24.42 0.75 37.11
C ARG A 1024 25.42 1.58 36.32
N VAL A 1025 24.99 2.60 35.59
CA VAL A 1025 25.90 3.34 34.73
C VAL A 1025 25.61 4.83 34.81
N ASP A 1026 26.66 5.62 34.61
CA ASP A 1026 26.53 7.07 34.47
C ASP A 1026 26.47 7.51 33.02
N GLY A 1027 26.69 6.59 32.10
CA GLY A 1027 26.63 6.92 30.69
C GLY A 1027 26.90 5.66 29.88
N ILE A 1028 26.48 5.71 28.63
CA ILE A 1028 26.75 4.62 27.70
C ILE A 1028 27.37 5.20 26.44
N VAL A 1029 28.33 4.47 25.88
CA VAL A 1029 28.93 4.79 24.60
C VAL A 1029 28.62 3.66 23.63
N VAL A 1030 28.03 4.01 22.49
CA VAL A 1030 27.81 3.08 21.39
C VAL A 1030 28.80 3.44 20.29
N ALA A 1031 29.62 2.47 19.88
CA ALA A 1031 30.62 2.67 18.82
C ALA A 1031 30.38 1.62 17.74
N ILE A 1032 29.99 2.08 16.57
CA ILE A 1032 29.79 1.23 15.40
C ILE A 1032 30.88 1.63 14.41
N ASN A 1033 31.87 0.76 14.20
CA ASN A 1033 32.98 1.06 13.32
C ASN A 1033 32.71 0.34 12.01
N ALA A 1034 31.95 0.99 11.12
CA ALA A 1034 31.64 0.44 9.80
C ALA A 1034 32.77 0.80 8.83
N ALA A 1035 33.90 0.11 9.00
CA ALA A 1035 35.11 0.47 8.26
C ALA A 1035 36.12 -0.68 8.31
N PRO A 1036 36.97 -0.81 7.29
CA PRO A 1036 38.00 -1.86 7.28
C PRO A 1036 39.22 -1.55 8.14
N GLU A 1037 39.32 -0.35 8.73
CA GLU A 1037 40.45 0.01 9.55
C GLU A 1037 40.09 -0.08 11.02
N SER A 1038 41.05 -0.51 11.82
CA SER A 1038 40.88 -0.41 13.26
C SER A 1038 41.05 1.05 13.66
N ARG A 1039 40.27 1.48 14.67
CA ARG A 1039 40.22 2.87 15.06
C ARG A 1039 40.37 2.99 16.58
N THR A 1040 40.87 4.14 17.02
CA THR A 1040 41.11 4.39 18.44
C THR A 1040 40.34 5.61 18.89
N LEU A 1041 39.53 5.44 19.92
CA LEU A 1041 38.78 6.54 20.52
C LEU A 1041 39.60 7.13 21.65
N GLN A 1042 39.85 8.43 21.57
CA GLN A 1042 40.49 9.13 22.67
C GLN A 1042 39.52 10.04 23.40
N ASP A 1043 38.27 10.11 22.94
CA ASP A 1043 37.30 11.01 23.55
C ASP A 1043 37.03 10.67 25.00
N PHE A 1044 37.33 9.45 25.44
CA PHE A 1044 37.00 9.03 26.79
C PHE A 1044 38.24 8.70 27.61
N ALA A 1045 39.40 9.23 27.19
CA ALA A 1045 40.64 8.96 27.91
C ALA A 1045 40.55 9.45 29.35
N GLY A 1046 40.99 8.59 30.27
CA GLY A 1046 41.03 8.91 31.68
C GLY A 1046 39.73 8.73 32.43
N THR A 1047 38.78 7.92 31.91
CA THR A 1047 37.41 8.00 32.38
C THR A 1047 36.84 6.73 33.01
N SER A 1048 37.57 5.61 33.00
CA SER A 1048 37.08 4.34 33.56
C SER A 1048 35.96 3.71 32.73
N LEU A 1049 35.84 4.08 31.45
CA LEU A 1049 34.96 3.37 30.53
C LEU A 1049 35.28 1.88 30.55
N GLN A 1050 34.24 1.05 30.41
CA GLN A 1050 34.46 -0.39 30.31
C GLN A 1050 33.43 -1.02 29.39
N LEU A 1051 33.79 -2.16 28.81
CA LEU A 1051 32.93 -2.86 27.86
C LEU A 1051 31.72 -3.46 28.57
N SER A 1052 30.56 -3.35 27.91
CA SER A 1052 29.34 -3.97 28.43
C SER A 1052 29.57 -5.45 28.74
N ALA A 1053 28.92 -5.91 29.80
CA ALA A 1053 29.15 -7.27 30.26
C ALA A 1053 28.63 -8.30 29.24
N ILE A 1054 27.50 -7.99 28.57
CA ILE A 1054 26.97 -8.88 27.54
C ILE A 1054 28.03 -9.20 26.50
N GLN A 1055 28.70 -8.17 25.98
CA GLN A 1055 29.67 -8.40 24.93
C GLN A 1055 30.87 -9.18 25.44
N GLN A 1056 31.34 -8.87 26.65
CA GLN A 1056 32.43 -9.67 27.22
C GLN A 1056 32.05 -11.12 27.35
N ALA A 1057 30.78 -11.40 27.71
CA ALA A 1057 30.33 -12.78 27.85
C ALA A 1057 30.32 -13.52 26.52
N ALA A 1058 30.00 -12.84 25.41
CA ALA A 1058 30.07 -13.47 24.11
C ALA A 1058 31.52 -13.78 23.69
N GLY A 1059 32.51 -13.05 24.21
CA GLY A 1059 33.90 -13.40 23.96
C GLY A 1059 34.27 -13.38 22.48
N ASP A 1060 34.74 -14.52 21.96
CA ASP A 1060 35.15 -14.61 20.57
C ASP A 1060 34.02 -14.41 19.58
N ARG A 1061 32.79 -14.65 19.99
CA ARG A 1061 31.65 -14.54 19.09
C ARG A 1061 31.00 -13.17 19.13
N SER A 1062 31.51 -12.25 19.97
CA SER A 1062 30.92 -10.93 20.11
C SER A 1062 31.18 -10.06 18.88
N LEU A 1063 30.24 -9.15 18.62
CA LEU A 1063 30.49 -8.10 17.64
C LEU A 1063 31.66 -7.22 18.06
N ALA A 1064 32.05 -7.27 19.34
CA ALA A 1064 33.14 -6.50 19.92
C ALA A 1064 34.35 -7.37 20.26
N SER A 1065 34.46 -8.55 19.64
CA SER A 1065 35.66 -9.37 19.86
C SER A 1065 36.89 -8.57 19.47
N GLY A 1066 37.88 -8.53 20.34
CA GLY A 1066 39.11 -7.82 20.04
C GLY A 1066 39.13 -6.37 20.47
N VAL A 1067 38.00 -5.83 20.94
CA VAL A 1067 38.01 -4.46 21.43
C VAL A 1067 38.95 -4.37 22.62
N GLN A 1068 39.76 -3.32 22.67
CA GLN A 1068 40.71 -3.11 23.75
C GLN A 1068 40.41 -1.79 24.43
N VAL A 1069 40.19 -1.83 25.73
CA VAL A 1069 40.20 -0.62 26.55
C VAL A 1069 41.51 -0.60 27.32
N ALA A 1070 42.31 0.44 27.08
CA ALA A 1070 43.59 0.58 27.77
C ALA A 1070 43.41 1.25 29.12
N ALA A 1071 44.49 1.26 29.91
CA ALA A 1071 44.42 1.81 31.25
C ALA A 1071 44.02 3.27 31.23
N ASP A 1072 44.55 4.05 30.28
CA ASP A 1072 44.22 5.47 30.17
C ASP A 1072 42.81 5.74 29.66
N GLY A 1073 42.04 4.71 29.34
CA GLY A 1073 40.68 4.93 28.86
C GLY A 1073 40.53 5.07 27.36
N SER A 1074 41.59 4.88 26.60
CA SER A 1074 41.48 4.88 25.15
C SER A 1074 40.98 3.52 24.68
N VAL A 1075 40.13 3.52 23.65
CA VAL A 1075 39.45 2.32 23.18
C VAL A 1075 39.87 2.05 21.75
N THR A 1076 40.34 0.82 21.49
CA THR A 1076 40.73 0.38 20.16
C THR A 1076 39.63 -0.50 19.59
N LEU A 1077 39.09 -0.12 18.43
CA LEU A 1077 37.96 -0.83 17.85
C LEU A 1077 38.43 -1.63 16.65
N PRO A 1078 38.14 -2.93 16.56
CA PRO A 1078 38.46 -3.67 15.34
C PRO A 1078 37.64 -3.16 14.16
N ALA A 1079 38.12 -3.51 12.97
CA ALA A 1079 37.33 -3.28 11.77
C ALA A 1079 35.96 -3.94 11.89
N TRP A 1080 34.94 -3.28 11.34
CA TRP A 1080 33.58 -3.86 11.21
C TRP A 1080 33.09 -4.41 12.55
N SER A 1081 33.12 -3.57 13.58
CA SER A 1081 32.78 -4.01 14.92
C SER A 1081 31.72 -3.09 15.53
N VAL A 1082 31.08 -3.61 16.58
CA VAL A 1082 30.09 -2.87 17.37
C VAL A 1082 30.44 -3.07 18.84
N ALA A 1083 30.60 -1.98 19.56
CA ALA A 1083 30.98 -2.05 20.96
C ALA A 1083 30.08 -1.14 21.78
N VAL A 1084 29.52 -1.68 22.85
CA VAL A 1084 28.74 -0.90 23.80
C VAL A 1084 29.59 -0.79 25.06
N LEU A 1085 29.90 0.44 25.45
CA LEU A 1085 30.71 0.70 26.64
C LEU A 1085 29.91 1.52 27.66
N GLU A 1086 30.34 1.46 28.92
CA GLU A 1086 29.58 2.04 30.02
C GLU A 1086 30.51 2.65 31.08
N LEU A 1087 30.04 3.74 31.68
CA LEU A 1087 30.67 4.32 32.86
C LEU A 1087 30.03 3.71 34.09
N PRO A 1088 30.72 2.83 34.83
CA PRO A 1088 30.09 2.21 36.01
C PRO A 1088 29.67 3.28 37.02
N GLN A 1089 28.49 3.08 37.61
CA GLN A 1089 27.96 4.04 38.55
C GLN A 1089 28.55 3.81 39.94
N GLY A 1090 28.79 4.90 40.65
CA GLY A 1090 29.28 4.86 42.01
C GLY A 1090 28.18 5.05 43.04
N GLU A 1091 28.59 5.47 44.23
CA GLU A 1091 27.65 5.61 45.34
C GLU A 1091 26.56 6.61 45.03
N SER A 1092 26.81 7.57 44.14
CA SER A 1092 25.75 8.47 43.69
C SER A 1092 25.91 8.79 42.21
N GLN A 1093 24.86 9.35 41.63
CA GLN A 1093 24.86 9.76 40.23
C GLN A 1093 26.04 10.67 39.93
N GLY A 1094 26.89 10.25 38.99
CA GLY A 1094 28.13 10.94 38.68
C GLY A 1094 27.95 11.98 37.57
N ALA A 1095 29.08 12.42 37.03
CA ALA A 1095 29.02 13.43 35.97
C ALA A 1095 28.61 12.82 34.64
N GLY A 1096 28.96 11.56 34.39
CA GLY A 1096 28.47 10.88 33.19
C GLY A 1096 29.04 11.45 31.91
N LEU A 1097 28.17 11.70 30.93
CA LEU A 1097 28.56 12.14 29.59
C LEU A 1097 27.67 13.30 29.15
N PRO A 1098 27.90 14.50 29.68
CA PRO A 1098 26.99 15.61 29.41
C PRO A 1098 26.92 15.98 27.94
N VAL A 1099 25.69 16.18 27.46
CA VAL A 1099 25.47 16.72 26.12
C VAL A 1099 26.00 18.14 26.05
N SER A 1100 26.59 18.50 24.93
CA SER A 1100 27.14 19.84 24.75
C SER A 1100 26.11 20.76 24.11
N SER A 1101 26.10 22.01 24.55
CA SER A 1101 25.18 23.01 24.04
C SER A 1101 25.81 23.65 22.82
N LYS A 1102 25.24 23.37 21.65
CA LYS A 1102 25.90 23.67 20.39
C LYS A 1102 25.33 24.95 19.76
#